data_5N2V
#
_entry.id   5N2V
#
_cell.length_a   63.841
_cell.length_b   76.522
_cell.length_c   89.526
_cell.angle_alpha   90.00
_cell.angle_beta   102.83
_cell.angle_gamma   90.00
#
_symmetry.space_group_name_H-M   'P 1 21 1'
#
loop_
_entity.id
_entity.type
_entity.pdbx_description
1 polymer 'mRNA-decapping enzyme subunit 1'
2 polymer 'mRNA decapping complex subunit 2'
3 polymer Edc1
4 non-polymer 'MAGNESIUM ION'
5 non-polymer "7N-METHYL-8-HYDROGUANOSINE-5'-DIPHOSPHATE"
#
loop_
_entity_poly.entity_id
_entity_poly.type
_entity_poly.pdbx_seq_one_letter_code
_entity_poly.pdbx_strand_id
1 'polypeptide(L)'
;GAMEDENILRNAVNLQVLKFHYPEIESIIDIASHVAVYQFDVGSQKWLKTSIEGTFFLVKDQRARVGYVILNRNSPENLY
LFINHPSNVHLVDRYLIHRTENQHVVGLWMFDPNDMSRIFNIVKESLLR
;
A,D
2 'polypeptide(L)'
;MGMSFTNATFSQVLDDLSARFILNLPAEEQSSVERLCFQIEQAHWFYEDFIRAQNDQLPSLGLRVFSAKLFAHCPLLWKW
SKVHEEAFDDFLRYKTRIPVRGAIMLDMSMQQCVLVKGWKASSGWGFPKGKIDKDESDVDCAIREVYEETGFDCSSRINP
NEFIDMTIRGQNVRLYIIPGISLDTRFESRTRKEISKIEWHNLMDLPTFKKNKPQTMKNKFYMVIPFLAPLKKWIKKRNI
ANNTT
;
B,E
3 'polypeptide(L)' SILYAGPTFTHSPAASNLPIPTFLHS C,F
#
loop_
_chem_comp.id
_chem_comp.type
_chem_comp.name
_chem_comp.formula
M7G non-polymer 7N-METHYL-8-HYDROGUANOSINE-5'-DIPHOSPHATE 'C11 H19 N5 O11 P2'
MG non-polymer 'MAGNESIUM ION' 'Mg 2'
#
# COMPACT_ATOMS: atom_id res chain seq x y z
N ALA A 2 -19.23 3.52 -3.76
CA ALA A 2 -18.69 4.41 -2.74
C ALA A 2 -17.33 4.97 -3.16
N MET A 3 -16.51 4.12 -3.78
CA MET A 3 -15.20 4.58 -4.26
C MET A 3 -15.36 5.63 -5.35
N GLU A 4 -16.28 5.38 -6.30
CA GLU A 4 -16.53 6.35 -7.35
C GLU A 4 -17.27 7.58 -6.84
N ASP A 5 -18.09 7.42 -5.80
CA ASP A 5 -18.76 8.57 -5.21
C ASP A 5 -17.75 9.52 -4.58
N GLU A 6 -16.78 8.99 -3.87
CA GLU A 6 -15.75 9.83 -3.25
C GLU A 6 -14.93 10.56 -4.32
N ASN A 7 -14.66 9.88 -5.44
CA ASN A 7 -13.92 10.53 -6.52
C ASN A 7 -14.73 11.64 -7.19
N ILE A 8 -16.06 11.51 -7.19
CA ILE A 8 -16.90 12.55 -7.78
C ILE A 8 -16.89 13.80 -6.90
N LEU A 9 -17.09 13.61 -5.59
CA LEU A 9 -17.02 14.74 -4.67
C LEU A 9 -15.60 15.30 -4.59
N ARG A 10 -14.60 14.44 -4.69
CA ARG A 10 -13.21 14.89 -4.64
C ARG A 10 -12.89 15.83 -5.80
N ASN A 11 -13.20 15.40 -7.03
CA ASN A 11 -12.90 16.23 -8.20
C ASN A 11 -13.77 17.48 -8.24
N ALA A 12 -14.97 17.42 -7.67
CA ALA A 12 -15.84 18.60 -7.64
C ALA A 12 -15.23 19.69 -6.77
N VAL A 13 -14.86 19.35 -5.53
CA VAL A 13 -14.26 20.34 -4.64
C VAL A 13 -12.90 20.79 -5.19
N ASN A 14 -12.12 19.84 -5.72
CA ASN A 14 -10.82 20.21 -6.30
C ASN A 14 -10.98 21.23 -7.41
N LEU A 15 -11.87 20.96 -8.36
CA LEU A 15 -12.04 21.85 -9.51
C LEU A 15 -12.57 23.22 -9.07
N GLN A 16 -13.47 23.24 -8.08
CA GLN A 16 -14.00 24.52 -7.61
C GLN A 16 -12.93 25.35 -6.93
N VAL A 17 -12.01 24.70 -6.20
CA VAL A 17 -10.91 25.42 -5.57
C VAL A 17 -9.92 25.91 -6.62
N LEU A 18 -9.62 25.08 -7.61
CA LEU A 18 -8.71 25.49 -8.68
C LEU A 18 -9.29 26.69 -9.44
N LYS A 19 -10.58 26.62 -9.79
CA LYS A 19 -11.21 27.76 -10.45
C LYS A 19 -11.26 28.98 -9.52
N PHE A 20 -11.28 28.76 -8.21
CA PHE A 20 -11.26 29.87 -7.27
C PHE A 20 -9.96 30.65 -7.37
N HIS A 21 -8.84 29.95 -7.55
CA HIS A 21 -7.53 30.59 -7.67
C HIS A 21 -7.22 30.98 -9.11
N TYR A 22 -7.60 30.15 -10.07
CA TYR A 22 -7.35 30.42 -11.48
C TYR A 22 -8.61 30.10 -12.27
N PRO A 23 -9.45 31.12 -12.51
CA PRO A 23 -10.70 30.86 -13.25
C PRO A 23 -10.50 30.40 -14.67
N GLU A 24 -9.30 30.58 -15.26
CA GLU A 24 -9.06 30.11 -16.61
C GLU A 24 -9.00 28.58 -16.69
N ILE A 25 -8.73 27.91 -15.56
CA ILE A 25 -8.68 26.46 -15.55
C ILE A 25 -10.04 25.89 -15.93
N GLU A 26 -10.03 24.86 -16.79
CA GLU A 26 -11.26 24.22 -17.24
C GLU A 26 -11.47 22.86 -16.57
N SER A 27 -10.50 21.95 -16.68
CA SER A 27 -10.67 20.60 -16.16
C SER A 27 -9.35 20.13 -15.57
N ILE A 28 -9.40 18.96 -14.93
CA ILE A 28 -8.26 18.35 -14.27
C ILE A 28 -7.93 17.06 -15.01
N ILE A 29 -6.72 16.98 -15.56
CA ILE A 29 -6.32 15.79 -16.30
C ILE A 29 -5.87 14.69 -15.36
N ASP A 30 -5.04 15.02 -14.38
CA ASP A 30 -4.60 14.04 -13.41
C ASP A 30 -4.10 14.75 -12.15
N ILE A 31 -3.89 13.97 -11.10
CA ILE A 31 -3.55 14.50 -9.78
C ILE A 31 -2.47 13.61 -9.15
N ALA A 32 -1.45 14.24 -8.58
CA ALA A 32 -0.48 13.56 -7.74
C ALA A 32 -0.69 13.98 -6.29
N SER A 33 -0.56 13.01 -5.38
CA SER A 33 -0.94 13.24 -3.99
C SER A 33 -0.11 14.34 -3.35
N HIS A 34 1.21 14.28 -3.51
CA HIS A 34 2.08 15.28 -2.93
C HIS A 34 3.32 15.45 -3.79
N VAL A 35 3.71 16.70 -4.05
CA VAL A 35 4.87 17.00 -4.88
C VAL A 35 5.67 18.10 -4.20
N ALA A 36 6.97 17.85 -4.02
CA ALA A 36 7.91 18.87 -3.57
C ALA A 36 8.59 19.48 -4.79
N VAL A 37 8.63 20.80 -4.84
CA VAL A 37 9.20 21.52 -5.97
C VAL A 37 10.61 21.96 -5.60
N TYR A 38 11.50 21.96 -6.59
CA TYR A 38 12.86 22.43 -6.44
C TYR A 38 13.19 23.34 -7.62
N GLN A 39 14.30 24.07 -7.50
CA GLN A 39 14.77 24.96 -8.55
C GLN A 39 16.28 24.84 -8.66
N PHE A 40 16.76 24.58 -9.87
CA PHE A 40 18.19 24.45 -10.13
C PHE A 40 18.78 25.82 -10.42
N ASP A 41 19.74 26.24 -9.61
CA ASP A 41 20.39 27.55 -9.75
C ASP A 41 21.58 27.39 -10.69
N VAL A 42 21.40 27.80 -11.95
CA VAL A 42 22.53 27.85 -12.86
C VAL A 42 23.42 29.03 -12.49
N GLY A 43 24.72 28.87 -12.74
CA GLY A 43 25.72 29.80 -12.24
C GLY A 43 26.19 29.41 -10.86
N SER A 44 25.26 29.03 -9.99
CA SER A 44 25.60 28.39 -8.72
C SER A 44 25.75 26.88 -8.86
N GLN A 45 25.19 26.29 -9.92
CA GLN A 45 25.37 24.87 -10.26
C GLN A 45 24.87 23.94 -9.16
N LYS A 46 23.92 24.41 -8.35
CA LYS A 46 23.36 23.62 -7.26
C LYS A 46 21.84 23.70 -7.28
N TRP A 47 21.20 22.66 -6.75
CA TRP A 47 19.75 22.62 -6.62
C TRP A 47 19.32 23.39 -5.38
N LEU A 48 18.29 24.23 -5.54
CA LEU A 48 17.68 24.94 -4.42
C LEU A 48 16.32 24.32 -4.13
N LYS A 49 16.10 23.98 -2.85
CA LYS A 49 14.83 23.41 -2.40
C LYS A 49 13.88 24.55 -2.05
N THR A 50 12.94 24.84 -2.95
CA THR A 50 11.90 25.80 -2.63
C THR A 50 10.81 25.13 -1.80
N SER A 51 10.24 25.90 -0.87
CA SER A 51 9.27 25.39 0.08
C SER A 51 7.89 25.15 -0.53
N ILE A 52 7.80 24.98 -1.84
CA ILE A 52 6.53 24.71 -2.50
C ILE A 52 6.23 23.22 -2.44
N GLU A 53 5.53 22.80 -1.38
CA GLU A 53 5.08 21.43 -1.22
C GLU A 53 3.56 21.43 -1.19
N GLY A 54 2.95 20.60 -2.02
CA GLY A 54 1.50 20.55 -2.05
C GLY A 54 1.01 19.51 -3.02
N THR A 55 -0.32 19.48 -3.17
CA THR A 55 -0.95 18.58 -4.11
C THR A 55 -0.72 19.06 -5.54
N PHE A 56 -0.58 18.10 -6.45
CA PHE A 56 -0.22 18.35 -7.83
C PHE A 56 -1.45 18.16 -8.70
N PHE A 57 -1.78 19.17 -9.50
CA PHE A 57 -2.98 19.16 -10.34
C PHE A 57 -2.57 19.37 -11.79
N LEU A 58 -2.53 18.30 -12.57
CA LEU A 58 -2.32 18.41 -14.01
C LEU A 58 -3.63 18.86 -14.63
N VAL A 59 -3.71 20.13 -15.00
CA VAL A 59 -4.95 20.77 -15.42
C VAL A 59 -4.84 21.24 -16.86
N LYS A 60 -5.97 21.70 -17.38
CA LYS A 60 -6.07 22.29 -18.71
C LYS A 60 -6.98 23.50 -18.63
N ASP A 61 -6.53 24.62 -19.18
CA ASP A 61 -7.30 25.86 -19.10
C ASP A 61 -8.27 25.95 -20.29
N GLN A 62 -9.09 26.99 -20.29
CA GLN A 62 -10.10 27.18 -21.33
C GLN A 62 -9.51 27.50 -22.69
N ARG A 63 -8.20 27.73 -22.78
CA ARG A 63 -7.52 27.94 -24.05
C ARG A 63 -6.70 26.73 -24.48
N ALA A 64 -7.03 25.55 -23.95
CA ALA A 64 -6.41 24.27 -24.30
C ALA A 64 -4.93 24.20 -23.96
N ARG A 65 -4.48 25.02 -23.01
CA ARG A 65 -3.10 24.95 -22.54
C ARG A 65 -3.01 23.95 -21.39
N VAL A 66 -2.09 23.00 -21.51
CA VAL A 66 -1.87 22.02 -20.46
C VAL A 66 -0.84 22.58 -19.48
N GLY A 67 -1.17 22.52 -18.19
CA GLY A 67 -0.29 23.01 -17.15
C GLY A 67 -0.48 22.20 -15.88
N TYR A 68 0.22 22.62 -14.83
CA TYR A 68 0.10 21.96 -13.54
C TYR A 68 0.10 22.99 -12.42
N VAL A 69 -0.67 22.69 -11.38
CA VAL A 69 -0.86 23.59 -10.24
C VAL A 69 -0.51 22.83 -8.97
N ILE A 70 0.33 23.42 -8.13
CA ILE A 70 0.66 22.86 -6.83
C ILE A 70 0.09 23.79 -5.76
N LEU A 71 -0.84 23.26 -4.96
CA LEU A 71 -1.43 24.01 -3.85
C LEU A 71 -0.47 23.94 -2.68
N ASN A 72 0.42 24.94 -2.60
CA ASN A 72 1.48 24.96 -1.60
C ASN A 72 0.88 24.90 -0.20
N ARG A 73 1.29 23.87 0.56
CA ARG A 73 0.84 23.71 1.94
C ARG A 73 1.62 24.58 2.92
N ASN A 74 2.75 25.14 2.51
CA ASN A 74 3.60 25.92 3.41
C ASN A 74 3.36 27.42 3.33
N SER A 75 2.68 27.90 2.28
CA SER A 75 2.39 29.32 2.12
C SER A 75 1.30 29.46 1.07
N PRO A 76 0.62 30.61 1.02
CA PRO A 76 -0.40 30.81 -0.02
C PRO A 76 0.15 30.92 -1.43
N GLU A 77 1.48 31.00 -1.59
CA GLU A 77 2.10 31.17 -2.91
C GLU A 77 2.04 29.84 -3.65
N ASN A 78 1.05 29.68 -4.52
CA ASN A 78 0.93 28.48 -5.33
C ASN A 78 1.86 28.54 -6.53
N LEU A 79 1.96 27.43 -7.24
CA LEU A 79 2.80 27.30 -8.43
C LEU A 79 1.95 26.82 -9.59
N TYR A 80 1.72 27.70 -10.57
CA TYR A 80 1.02 27.37 -11.80
C TYR A 80 1.98 27.54 -12.96
N LEU A 81 2.30 26.44 -13.63
CA LEU A 81 3.25 26.45 -14.74
C LEU A 81 2.68 25.67 -15.92
N PHE A 82 2.84 26.23 -17.10
CA PHE A 82 2.38 25.61 -18.34
C PHE A 82 3.45 24.71 -18.92
N ILE A 83 3.01 23.71 -19.69
CA ILE A 83 3.89 22.83 -20.44
C ILE A 83 3.59 23.05 -21.92
N ASN A 84 4.38 23.91 -22.56
CA ASN A 84 4.10 24.27 -23.95
C ASN A 84 4.50 23.16 -24.92
N HIS A 85 5.50 22.35 -24.56
CA HIS A 85 5.91 21.23 -25.38
C HIS A 85 6.44 20.13 -24.46
N PRO A 86 6.06 18.88 -24.69
CA PRO A 86 6.48 17.80 -23.76
C PRO A 86 7.96 17.53 -23.74
N SER A 87 8.73 18.06 -24.68
CA SER A 87 10.18 17.89 -24.68
C SER A 87 10.88 18.76 -23.64
N ASN A 88 10.11 19.48 -22.82
CA ASN A 88 10.66 20.26 -21.72
C ASN A 88 10.60 19.53 -20.38
N VAL A 89 9.90 18.40 -20.30
CA VAL A 89 9.83 17.59 -19.10
C VAL A 89 10.66 16.33 -19.31
N HIS A 90 11.48 16.00 -18.32
CA HIS A 90 12.37 14.85 -18.39
C HIS A 90 12.19 13.99 -17.15
N LEU A 91 12.10 12.68 -17.35
CA LEU A 91 12.09 11.73 -16.24
C LEU A 91 13.55 11.35 -15.98
N VAL A 92 14.14 11.94 -14.96
CA VAL A 92 15.54 11.72 -14.61
C VAL A 92 15.60 11.23 -13.17
N ASP A 93 16.09 10.01 -12.99
CA ASP A 93 16.24 9.40 -11.66
C ASP A 93 14.86 9.30 -11.03
N ARG A 94 14.63 9.91 -9.87
CA ARG A 94 13.36 9.85 -9.16
C ARG A 94 12.59 11.15 -9.28
N TYR A 95 12.98 12.03 -10.20
CA TYR A 95 12.44 13.36 -10.29
C TYR A 95 12.09 13.69 -11.74
N LEU A 96 11.18 14.64 -11.90
CA LEU A 96 10.89 15.24 -13.20
C LEU A 96 11.60 16.59 -13.28
N ILE A 97 12.20 16.87 -14.44
CA ILE A 97 12.93 18.11 -14.67
C ILE A 97 12.21 18.88 -15.76
N HIS A 98 11.55 19.97 -15.40
CA HIS A 98 10.81 20.81 -16.33
C HIS A 98 11.61 22.09 -16.57
N ARG A 99 11.95 22.34 -17.83
CA ARG A 99 12.64 23.56 -18.25
C ARG A 99 11.59 24.52 -18.79
N THR A 100 11.17 25.47 -17.96
CA THR A 100 10.14 26.43 -18.36
C THR A 100 10.60 27.24 -19.57
N GLU A 101 9.63 27.86 -20.24
CA GLU A 101 9.91 28.51 -21.52
C GLU A 101 11.00 29.56 -21.40
N ASN A 102 11.01 30.33 -20.32
CA ASN A 102 12.01 31.37 -20.13
C ASN A 102 13.21 30.86 -19.32
N GLN A 103 13.75 29.71 -19.74
CA GLN A 103 15.00 29.17 -19.22
C GLN A 103 15.00 29.08 -17.69
N HIS A 104 13.96 28.46 -17.15
CA HIS A 104 13.85 28.17 -15.73
C HIS A 104 13.75 26.66 -15.55
N VAL A 105 14.50 26.14 -14.58
CA VAL A 105 14.59 24.70 -14.32
C VAL A 105 13.92 24.42 -12.98
N VAL A 106 12.79 23.72 -13.01
CA VAL A 106 12.04 23.34 -11.82
C VAL A 106 12.10 21.83 -11.67
N GLY A 107 12.34 21.38 -10.45
CA GLY A 107 12.41 19.95 -10.17
C GLY A 107 11.29 19.48 -9.28
N LEU A 108 10.46 18.57 -9.80
CA LEU A 108 9.29 18.07 -9.10
C LEU A 108 9.57 16.67 -8.57
N TRP A 109 9.50 16.52 -7.25
CA TRP A 109 9.62 15.21 -6.61
C TRP A 109 8.23 14.77 -6.15
N MET A 110 7.72 13.72 -6.79
CA MET A 110 6.40 13.21 -6.46
C MET A 110 6.52 12.09 -5.44
N PHE A 111 5.79 12.23 -4.32
CA PHE A 111 5.87 11.25 -3.25
C PHE A 111 5.50 9.86 -3.72
N ASP A 112 4.50 9.75 -4.59
CA ASP A 112 4.11 8.46 -5.13
C ASP A 112 4.86 8.22 -6.43
N PRO A 113 5.71 7.19 -6.51
CA PRO A 113 6.39 6.89 -7.79
C PRO A 113 5.43 6.59 -8.92
N ASN A 114 4.30 5.95 -8.63
CA ASN A 114 3.30 5.70 -9.66
C ASN A 114 2.75 7.00 -10.22
N ASP A 115 2.55 8.00 -9.36
CA ASP A 115 2.13 9.31 -9.83
C ASP A 115 3.20 9.95 -10.72
N MET A 116 4.47 9.71 -10.42
CA MET A 116 5.53 10.23 -11.26
C MET A 116 5.46 9.64 -12.67
N SER A 117 5.40 8.30 -12.76
CA SER A 117 5.39 7.65 -14.07
C SER A 117 4.11 7.99 -14.84
N ARG A 118 2.97 8.03 -14.15
CA ARG A 118 1.71 8.29 -14.85
C ARG A 118 1.65 9.73 -15.35
N ILE A 119 2.03 10.70 -14.51
CA ILE A 119 2.06 12.09 -14.95
C ILE A 119 3.05 12.26 -16.11
N PHE A 120 4.22 11.64 -16.00
CA PHE A 120 5.22 11.76 -17.06
C PHE A 120 4.72 11.17 -18.37
N ASN A 121 4.05 10.00 -18.30
CA ASN A 121 3.56 9.38 -19.53
C ASN A 121 2.40 10.14 -20.14
N ILE A 122 1.57 10.79 -19.31
CA ILE A 122 0.48 11.60 -19.84
C ILE A 122 1.02 12.80 -20.63
N VAL A 123 2.02 13.48 -20.07
CA VAL A 123 2.60 14.64 -20.74
C VAL A 123 3.26 14.23 -22.04
N LYS A 124 3.93 13.08 -22.06
CA LYS A 124 4.61 12.63 -23.27
C LYS A 124 3.62 12.22 -24.35
N GLU A 125 2.43 11.80 -23.97
CA GLU A 125 1.39 11.44 -24.94
C GLU A 125 0.45 12.59 -25.27
N SER A 126 0.35 13.60 -24.42
CA SER A 126 -0.66 14.65 -24.60
C SER A 126 -0.36 15.53 -25.81
N LEU A 127 0.88 15.60 -26.26
CA LEU A 127 1.22 16.39 -27.44
C LEU A 127 2.21 15.64 -28.32
N SER B 4 -4.73 34.00 -3.34
CA SER B 4 -5.00 35.18 -2.53
C SER B 4 -6.41 35.12 -1.93
N PHE B 5 -6.48 35.03 -0.60
CA PHE B 5 -7.74 35.06 0.13
C PHE B 5 -8.14 36.46 0.57
N THR B 6 -7.60 37.50 -0.09
CA THR B 6 -7.73 38.87 0.40
C THR B 6 -9.17 39.23 0.77
N ASN B 7 -10.15 38.71 0.03
CA ASN B 7 -11.54 38.75 0.48
C ASN B 7 -12.21 37.47 -0.01
N ALA B 8 -12.42 36.54 0.90
CA ALA B 8 -12.98 35.23 0.57
C ALA B 8 -13.81 34.74 1.74
N THR B 9 -14.98 34.20 1.42
CA THR B 9 -15.89 33.75 2.47
C THR B 9 -15.30 32.58 3.23
N PHE B 10 -15.79 32.38 4.47
CA PHE B 10 -15.34 31.27 5.28
C PHE B 10 -15.64 29.93 4.62
N SER B 11 -16.70 29.86 3.79
CA SER B 11 -17.00 28.65 3.07
C SER B 11 -15.95 28.38 1.98
N GLN B 12 -15.62 29.40 1.19
CA GLN B 12 -14.57 29.25 0.19
C GLN B 12 -13.24 28.89 0.83
N VAL B 13 -12.97 29.40 2.04
CA VAL B 13 -11.76 29.04 2.76
C VAL B 13 -11.79 27.55 3.10
N LEU B 14 -12.89 27.08 3.68
CA LEU B 14 -13.01 25.67 4.01
C LEU B 14 -12.97 24.79 2.77
N ASP B 15 -13.47 25.30 1.64
CA ASP B 15 -13.35 24.57 0.38
C ASP B 15 -11.88 24.41 -0.01
N ASP B 16 -11.12 25.50 0.06
CA ASP B 16 -9.69 25.44 -0.24
C ASP B 16 -8.97 24.49 0.71
N LEU B 17 -9.15 24.68 2.01
CA LEU B 17 -8.46 23.84 2.99
C LEU B 17 -8.82 22.37 2.83
N SER B 18 -10.02 22.08 2.32
CA SER B 18 -10.38 20.70 2.01
C SER B 18 -9.49 20.15 0.90
N ALA B 19 -9.45 20.85 -0.25
CA ALA B 19 -8.67 20.38 -1.39
C ALA B 19 -7.18 20.48 -1.15
N ARG B 20 -6.73 21.24 -0.15
CA ARG B 20 -5.31 21.47 0.06
C ARG B 20 -4.69 20.50 1.07
N PHE B 21 -5.44 20.05 2.07
CA PHE B 21 -4.88 19.24 3.15
C PHE B 21 -5.59 17.93 3.41
N ILE B 22 -6.82 17.73 2.94
CA ILE B 22 -7.65 16.61 3.37
C ILE B 22 -8.01 15.70 2.20
N LEU B 23 -8.56 16.27 1.13
CA LEU B 23 -9.23 15.47 0.11
C LEU B 23 -8.29 14.73 -0.81
N ASN B 24 -7.03 15.16 -0.94
CA ASN B 24 -6.10 14.57 -1.89
C ASN B 24 -4.88 13.98 -1.21
N LEU B 25 -5.04 13.55 0.04
CA LEU B 25 -3.94 12.96 0.79
C LEU B 25 -3.56 11.61 0.18
N PRO B 26 -2.31 11.17 0.39
CA PRO B 26 -1.98 9.79 0.06
C PRO B 26 -2.82 8.82 0.87
N ALA B 27 -3.19 7.70 0.24
CA ALA B 27 -4.08 6.74 0.86
C ALA B 27 -3.48 6.09 2.10
N GLU B 28 -2.17 6.21 2.32
CA GLU B 28 -1.53 5.55 3.44
C GLU B 28 -2.01 6.10 4.79
N GLU B 29 -2.41 7.37 4.84
CA GLU B 29 -2.86 7.97 6.09
C GLU B 29 -4.27 8.56 5.99
N GLN B 30 -5.03 8.19 4.97
CA GLN B 30 -6.42 8.61 4.85
C GLN B 30 -7.37 7.53 5.36
N SER B 31 -6.83 6.47 5.94
CA SER B 31 -7.59 5.31 6.41
C SER B 31 -8.10 5.48 7.83
N SER B 32 -7.31 6.07 8.71
CA SER B 32 -7.73 6.29 10.09
C SER B 32 -8.39 7.66 10.23
N VAL B 33 -9.02 7.86 11.39
CA VAL B 33 -9.63 9.15 11.70
C VAL B 33 -8.62 10.11 12.30
N GLU B 34 -7.76 9.61 13.19
CA GLU B 34 -6.74 10.46 13.80
C GLU B 34 -5.77 10.98 12.75
N ARG B 35 -5.39 10.14 11.78
CA ARG B 35 -4.48 10.58 10.74
C ARG B 35 -5.09 11.73 9.92
N LEU B 36 -6.41 11.70 9.72
CA LEU B 36 -7.07 12.82 9.08
C LEU B 36 -6.99 14.09 9.93
N CYS B 37 -7.10 13.94 11.26
CA CYS B 37 -7.10 15.09 12.13
C CYS B 37 -5.72 15.74 12.22
N PHE B 38 -4.66 14.98 11.98
CA PHE B 38 -3.32 15.58 11.93
C PHE B 38 -3.19 16.53 10.74
N GLN B 39 -3.81 16.17 9.61
CA GLN B 39 -3.86 17.09 8.48
C GLN B 39 -4.82 18.24 8.76
N ILE B 40 -5.83 18.02 9.60
CA ILE B 40 -6.68 19.12 10.06
C ILE B 40 -5.85 20.13 10.84
N GLU B 41 -4.93 19.64 11.69
CA GLU B 41 -4.05 20.54 12.43
C GLU B 41 -3.13 21.31 11.48
N GLN B 42 -2.68 20.66 10.40
CA GLN B 42 -1.92 21.37 9.38
C GLN B 42 -2.79 22.41 8.68
N ALA B 43 -4.03 22.06 8.34
CA ALA B 43 -4.93 23.02 7.72
C ALA B 43 -5.30 24.15 8.66
N HIS B 44 -5.31 23.88 9.97
CA HIS B 44 -5.60 24.93 10.94
C HIS B 44 -4.48 25.97 10.97
N TRP B 45 -3.23 25.51 11.03
CA TRP B 45 -2.10 26.44 11.05
C TRP B 45 -2.05 27.28 9.79
N PHE B 46 -2.43 26.68 8.65
CA PHE B 46 -2.52 27.45 7.41
C PHE B 46 -3.60 28.52 7.50
N TYR B 47 -4.77 28.14 8.02
CA TYR B 47 -5.87 29.10 8.14
C TYR B 47 -5.53 30.22 9.11
N GLU B 48 -4.98 29.86 10.27
CA GLU B 48 -4.66 30.86 11.29
C GLU B 48 -3.55 31.81 10.83
N ASP B 49 -2.45 31.26 10.33
CA ASP B 49 -1.27 32.07 10.03
C ASP B 49 -1.40 32.80 8.69
N PHE B 50 -1.96 32.14 7.68
CA PHE B 50 -1.97 32.68 6.32
C PHE B 50 -3.33 33.20 5.88
N ILE B 51 -4.39 32.39 6.01
CA ILE B 51 -5.69 32.79 5.49
C ILE B 51 -6.27 33.93 6.33
N ARG B 52 -6.11 33.86 7.65
CA ARG B 52 -6.57 34.94 8.52
C ARG B 52 -5.63 36.13 8.52
N ALA B 53 -4.64 36.15 7.64
CA ALA B 53 -3.76 37.30 7.48
C ALA B 53 -4.03 38.08 6.21
N GLN B 54 -4.71 37.49 5.23
CA GLN B 54 -5.16 38.20 4.05
C GLN B 54 -6.60 38.69 4.17
N ASN B 55 -7.39 38.07 5.05
CA ASN B 55 -8.77 38.49 5.34
C ASN B 55 -8.91 38.57 6.85
N ASP B 56 -8.78 39.78 7.40
CA ASP B 56 -8.88 39.96 8.84
C ASP B 56 -10.28 39.66 9.37
N GLN B 57 -11.30 39.69 8.52
CA GLN B 57 -12.67 39.45 8.96
C GLN B 57 -12.89 38.01 9.42
N LEU B 58 -12.05 37.07 8.99
CA LEU B 58 -12.20 35.68 9.42
C LEU B 58 -11.82 35.55 10.89
N PRO B 59 -12.58 34.78 11.67
CA PRO B 59 -12.30 34.68 13.10
C PRO B 59 -11.19 33.70 13.42
N SER B 60 -10.47 34.00 14.50
CA SER B 60 -9.46 33.10 15.02
C SER B 60 -10.15 31.96 15.78
N LEU B 61 -9.96 30.73 15.31
CA LEU B 61 -10.65 29.58 15.87
C LEU B 61 -9.67 28.64 16.54
N GLY B 62 -10.08 28.09 17.67
CA GLY B 62 -9.34 27.01 18.28
C GLY B 62 -9.32 25.77 17.41
N LEU B 63 -8.35 24.90 17.67
CA LEU B 63 -8.20 23.71 16.85
C LEU B 63 -9.43 22.82 16.92
N ARG B 64 -10.06 22.72 18.09
CA ARG B 64 -11.25 21.90 18.22
C ARG B 64 -12.43 22.53 17.49
N VAL B 65 -12.57 23.86 17.58
CA VAL B 65 -13.66 24.54 16.89
C VAL B 65 -13.44 24.49 15.38
N PHE B 66 -12.22 24.76 14.93
CA PHE B 66 -11.91 24.73 13.50
C PHE B 66 -12.15 23.36 12.91
N SER B 67 -11.76 22.31 13.62
CA SER B 67 -11.99 20.95 13.14
C SER B 67 -13.47 20.66 12.97
N ALA B 68 -14.30 21.11 13.91
CA ALA B 68 -15.73 20.87 13.83
C ALA B 68 -16.34 21.52 12.59
N LYS B 69 -15.95 22.76 12.31
CA LYS B 69 -16.47 23.44 11.12
C LYS B 69 -16.06 22.72 9.84
N LEU B 70 -14.80 22.27 9.78
CA LEU B 70 -14.32 21.62 8.57
C LEU B 70 -14.88 20.21 8.41
N PHE B 71 -15.13 19.51 9.53
CA PHE B 71 -15.76 18.19 9.44
C PHE B 71 -17.19 18.30 8.96
N ALA B 72 -17.92 19.33 9.40
CA ALA B 72 -19.28 19.56 8.94
C ALA B 72 -19.33 20.13 7.53
N HIS B 73 -18.17 20.40 6.92
CA HIS B 73 -18.10 21.03 5.61
C HIS B 73 -17.66 20.04 4.53
N CYS B 74 -16.52 19.41 4.71
CA CYS B 74 -15.98 18.52 3.69
C CYS B 74 -16.84 17.27 3.56
N PRO B 75 -17.31 16.94 2.35
CA PRO B 75 -18.23 15.78 2.22
C PRO B 75 -17.62 14.46 2.64
N LEU B 76 -16.31 14.28 2.46
CA LEU B 76 -15.66 13.05 2.91
C LEU B 76 -15.81 12.85 4.40
N LEU B 77 -15.79 13.94 5.17
CA LEU B 77 -15.77 13.89 6.62
C LEU B 77 -17.17 13.93 7.24
N TRP B 78 -18.23 13.92 6.43
CA TRP B 78 -19.58 14.05 6.97
C TRP B 78 -19.93 12.92 7.92
N LYS B 79 -19.31 11.75 7.76
CA LYS B 79 -19.63 10.63 8.64
C LYS B 79 -19.23 10.92 10.08
N TRP B 80 -18.12 11.63 10.28
CA TRP B 80 -17.61 11.92 11.60
C TRP B 80 -18.14 13.23 12.18
N SER B 81 -18.99 13.95 11.43
CA SER B 81 -19.42 15.28 11.87
C SER B 81 -20.30 15.20 13.12
N LYS B 82 -21.15 14.17 13.22
CA LYS B 82 -22.00 14.05 14.40
C LYS B 82 -21.20 13.63 15.62
N VAL B 83 -20.27 12.68 15.44
CA VAL B 83 -19.44 12.21 16.54
C VAL B 83 -18.09 12.90 16.48
N HIS B 84 -18.10 14.20 16.18
CA HIS B 84 -16.83 14.93 16.04
C HIS B 84 -16.15 15.13 17.39
N GLU B 85 -16.91 15.41 18.45
CA GLU B 85 -16.31 15.63 19.76
C GLU B 85 -15.61 14.37 20.25
N GLU B 86 -16.19 13.21 20.00
CA GLU B 86 -15.56 11.96 20.41
C GLU B 86 -14.40 11.58 19.50
N ALA B 87 -14.53 11.86 18.20
CA ALA B 87 -13.44 11.57 17.26
C ALA B 87 -12.26 12.51 17.49
N PHE B 88 -12.53 13.78 17.82
CA PHE B 88 -11.44 14.69 18.15
C PHE B 88 -10.82 14.31 19.50
N ASP B 89 -11.64 13.85 20.45
CA ASP B 89 -11.08 13.34 21.70
C ASP B 89 -10.14 12.17 21.44
N ASP B 90 -10.50 11.29 20.50
CA ASP B 90 -9.59 10.20 20.14
C ASP B 90 -8.34 10.72 19.42
N PHE B 91 -8.44 11.88 18.77
CA PHE B 91 -7.29 12.43 18.06
C PHE B 91 -6.20 12.87 19.03
N LEU B 92 -6.52 13.82 19.92
CA LEU B 92 -5.51 14.29 20.86
C LEU B 92 -5.18 13.23 21.90
N ARG B 93 -6.09 12.28 22.14
CA ARG B 93 -5.73 11.10 22.91
C ARG B 93 -4.66 10.28 22.17
N TYR B 94 -4.75 10.24 20.83
CA TYR B 94 -3.71 9.62 20.03
C TYR B 94 -2.43 10.44 20.06
N LYS B 95 -2.55 11.77 19.94
CA LYS B 95 -1.35 12.60 19.80
C LYS B 95 -0.54 12.65 21.08
N THR B 96 -1.20 12.67 22.23
CA THR B 96 -0.47 12.71 23.49
C THR B 96 0.20 11.39 23.86
N ARG B 97 0.30 10.44 22.91
CA ARG B 97 1.01 9.19 23.14
C ARG B 97 2.15 8.97 22.16
N ILE B 98 2.33 9.86 21.20
CA ILE B 98 3.42 9.71 20.23
C ILE B 98 4.75 9.92 20.94
N PRO B 99 5.75 9.07 20.71
CA PRO B 99 7.06 9.29 21.33
C PRO B 99 7.65 10.63 20.93
N VAL B 100 8.26 11.31 21.90
CA VAL B 100 8.88 12.62 21.71
C VAL B 100 10.36 12.48 21.99
N ARG B 101 11.19 12.94 21.04
CA ARG B 101 12.64 12.88 21.18
C ARG B 101 13.23 14.28 21.07
N GLY B 102 14.31 14.48 21.81
CA GLY B 102 15.00 15.75 21.81
C GLY B 102 16.43 15.58 22.26
N ALA B 103 17.01 16.67 22.75
CA ALA B 103 18.39 16.65 23.23
C ALA B 103 18.58 17.68 24.32
N ILE B 104 19.24 17.27 25.41
CA ILE B 104 19.66 18.18 26.47
C ILE B 104 21.07 18.62 26.12
N MET B 105 21.20 19.80 25.51
CA MET B 105 22.50 20.31 25.08
C MET B 105 23.17 21.02 26.26
N LEU B 106 24.23 20.42 26.77
CA LEU B 106 25.03 21.04 27.82
C LEU B 106 26.21 21.78 27.20
N ASP B 107 26.69 22.81 27.89
CA ASP B 107 27.84 23.56 27.41
C ASP B 107 29.12 22.83 27.78
N MET B 108 30.26 23.45 27.46
CA MET B 108 31.55 22.84 27.74
C MET B 108 31.87 22.78 29.23
N SER B 109 31.23 23.62 30.04
CA SER B 109 31.40 23.55 31.49
C SER B 109 30.34 22.68 32.17
N MET B 110 29.33 22.22 31.42
CA MET B 110 28.24 21.40 31.95
C MET B 110 27.52 22.08 33.11
N GLN B 111 27.46 23.41 33.08
CA GLN B 111 26.72 24.18 34.08
C GLN B 111 25.53 24.91 33.50
N GLN B 112 25.44 25.04 32.18
CA GLN B 112 24.30 25.64 31.53
C GLN B 112 23.77 24.70 30.45
N CYS B 113 22.47 24.81 30.17
CA CYS B 113 21.82 24.02 29.14
C CYS B 113 21.01 24.92 28.24
N VAL B 114 20.55 24.36 27.12
CA VAL B 114 19.76 25.10 26.13
C VAL B 114 18.29 24.76 26.32
N LEU B 115 17.48 25.79 26.49
CA LEU B 115 16.04 25.66 26.63
C LEU B 115 15.36 26.52 25.57
N VAL B 116 14.11 26.18 25.26
CA VAL B 116 13.33 26.91 24.27
C VAL B 116 11.99 27.28 24.88
N LYS B 117 11.45 28.41 24.43
CA LYS B 117 10.15 28.90 24.88
C LYS B 117 9.16 28.85 23.73
N GLY B 118 7.93 28.47 24.06
CA GLY B 118 6.88 28.42 23.06
C GLY B 118 6.50 29.80 22.54
N TRP B 119 5.71 29.79 21.47
CA TRP B 119 5.37 31.04 20.79
C TRP B 119 4.56 31.97 21.69
N LYS B 120 3.39 31.51 22.13
CA LYS B 120 2.57 32.32 23.01
C LYS B 120 3.32 32.63 24.29
N ALA B 121 3.18 33.88 24.75
CA ALA B 121 3.98 34.35 25.88
C ALA B 121 3.70 33.59 27.17
N SER B 122 2.52 32.99 27.28
CA SER B 122 2.20 32.19 28.47
C SER B 122 3.02 30.91 28.52
N SER B 123 3.32 30.33 27.36
CA SER B 123 4.03 29.05 27.31
C SER B 123 5.37 29.14 28.04
N GLY B 124 5.70 28.08 28.77
CA GLY B 124 6.91 28.02 29.54
C GLY B 124 8.10 27.50 28.75
N TRP B 125 9.16 27.20 29.49
CA TRP B 125 10.40 26.74 28.90
C TRP B 125 10.49 25.22 28.91
N GLY B 126 11.38 24.69 28.08
CA GLY B 126 11.56 23.25 27.97
C GLY B 126 12.71 22.96 27.03
N PHE B 127 13.14 21.70 27.06
CA PHE B 127 14.22 21.27 26.19
C PHE B 127 13.72 21.16 24.75
N PRO B 128 14.59 21.38 23.76
CA PRO B 128 14.19 21.22 22.36
C PRO B 128 13.81 19.79 22.04
N LYS B 129 12.52 19.53 21.89
CA LYS B 129 12.03 18.17 21.69
C LYS B 129 10.81 18.23 20.78
N GLY B 130 10.51 17.09 20.15
CA GLY B 130 9.37 17.01 19.26
C GLY B 130 8.95 15.59 19.00
N LYS B 131 7.73 15.46 18.47
CA LYS B 131 7.14 14.15 18.23
C LYS B 131 7.81 13.47 17.04
N ILE B 132 7.81 12.14 17.07
CA ILE B 132 8.47 11.34 16.06
C ILE B 132 7.59 11.22 14.82
N ASP B 133 8.24 11.13 13.66
CA ASP B 133 7.55 10.96 12.39
C ASP B 133 7.55 9.49 11.99
N LYS B 134 6.86 9.20 10.89
CA LYS B 134 6.69 7.81 10.47
C LYS B 134 8.03 7.20 10.07
N ASP B 135 8.36 6.06 10.68
CA ASP B 135 9.48 5.19 10.32
C ASP B 135 10.84 5.80 10.63
N GLU B 136 10.92 7.04 11.12
CA GLU B 136 12.22 7.60 11.46
C GLU B 136 12.65 7.13 12.83
N SER B 137 13.96 7.00 13.01
CA SER B 137 14.51 6.45 14.25
C SER B 137 14.46 7.50 15.35
N ASP B 138 14.72 7.04 16.59
CA ASP B 138 14.74 7.95 17.73
C ASP B 138 15.84 8.99 17.60
N VAL B 139 17.01 8.58 17.12
CA VAL B 139 18.13 9.51 16.99
C VAL B 139 17.86 10.48 15.84
N ASP B 140 17.39 9.97 14.69
CA ASP B 140 17.03 10.84 13.58
C ASP B 140 15.92 11.82 13.97
N CYS B 141 15.01 11.39 14.84
CA CYS B 141 13.97 12.28 15.32
C CYS B 141 14.54 13.38 16.21
N ALA B 142 15.42 13.00 17.14
CA ALA B 142 16.06 14.00 18.00
C ALA B 142 16.85 15.01 17.18
N ILE B 143 17.54 14.54 16.13
CA ILE B 143 18.27 15.46 15.26
C ILE B 143 17.31 16.34 14.47
N ARG B 144 16.22 15.75 13.97
CA ARG B 144 15.27 16.51 13.16
C ARG B 144 14.64 17.65 13.96
N GLU B 145 14.26 17.40 15.21
CA GLU B 145 13.54 18.38 16.00
C GLU B 145 14.44 19.37 16.72
N VAL B 146 15.64 18.95 17.11
CA VAL B 146 16.59 19.91 17.67
C VAL B 146 17.03 20.90 16.59
N TYR B 147 17.30 20.40 15.38
CA TYR B 147 17.55 21.29 14.26
C TYR B 147 16.31 22.09 13.90
N GLU B 148 15.11 21.52 14.12
CA GLU B 148 13.88 22.22 13.81
C GLU B 148 13.67 23.40 14.75
N GLU B 149 13.93 23.20 16.05
CA GLU B 149 13.57 24.17 17.07
C GLU B 149 14.73 25.07 17.49
N THR B 150 15.97 24.69 17.24
CA THR B 150 17.11 25.54 17.55
C THR B 150 17.99 25.86 16.35
N GLY B 151 17.72 25.27 15.18
CA GLY B 151 18.53 25.52 14.02
C GLY B 151 19.94 24.98 14.09
N PHE B 152 20.25 24.16 15.09
CA PHE B 152 21.59 23.60 15.27
C PHE B 152 21.57 22.13 14.87
N ASP B 153 22.58 21.72 14.12
CA ASP B 153 22.72 20.33 13.71
C ASP B 153 23.58 19.59 14.73
N CYS B 154 23.01 18.61 15.40
CA CYS B 154 23.70 17.82 16.41
C CYS B 154 23.93 16.37 15.97
N SER B 155 23.95 16.13 14.65
CA SER B 155 24.15 14.76 14.17
C SER B 155 25.56 14.28 14.45
N SER B 156 26.55 15.16 14.29
CA SER B 156 27.94 14.81 14.58
C SER B 156 28.29 14.91 16.06
N ARG B 157 27.31 15.24 16.91
CA ARG B 157 27.55 15.40 18.33
C ARG B 157 26.67 14.53 19.22
N ILE B 158 25.55 14.02 18.71
CA ILE B 158 24.63 13.24 19.53
C ILE B 158 25.24 11.87 19.83
N ASN B 159 25.07 11.42 21.07
CA ASN B 159 25.54 10.10 21.49
C ASN B 159 24.34 9.22 21.75
N PRO B 160 24.05 8.25 20.87
CA PRO B 160 22.83 7.43 21.05
C PRO B 160 22.83 6.61 22.33
N ASN B 161 23.99 6.38 22.94
CA ASN B 161 24.07 5.60 24.18
C ASN B 161 23.91 6.46 25.42
N GLU B 162 23.89 7.79 25.29
CA GLU B 162 23.80 8.70 26.42
C GLU B 162 22.50 9.49 26.28
N PHE B 163 21.46 9.03 26.96
CA PHE B 163 20.16 9.70 26.92
C PHE B 163 19.48 9.55 28.27
N ILE B 164 18.34 10.22 28.41
CA ILE B 164 17.48 10.11 29.58
C ILE B 164 16.08 9.76 29.07
N ASP B 165 15.63 8.55 29.40
CA ASP B 165 14.32 8.06 28.95
C ASP B 165 13.28 8.32 30.03
N MET B 166 12.20 8.99 29.66
CA MET B 166 11.14 9.35 30.59
C MET B 166 9.79 9.05 29.95
N THR B 167 8.81 8.75 30.80
CA THR B 167 7.44 8.47 30.36
C THR B 167 6.48 9.35 31.16
N ILE B 168 6.46 10.64 30.81
CA ILE B 168 5.55 11.58 31.46
C ILE B 168 4.14 11.32 30.96
N ARG B 169 3.25 10.93 31.87
CA ARG B 169 1.86 10.57 31.56
C ARG B 169 1.93 9.44 30.53
N GLY B 170 1.20 9.51 29.42
CA GLY B 170 1.32 8.52 28.38
C GLY B 170 2.31 8.85 27.29
N GLN B 171 3.04 9.95 27.42
CA GLN B 171 3.95 10.43 26.40
C GLN B 171 5.36 10.00 26.76
N ASN B 172 5.95 9.12 25.95
CA ASN B 172 7.34 8.71 26.14
C ASN B 172 8.26 9.81 25.60
N VAL B 173 9.16 10.29 26.46
CA VAL B 173 10.09 11.36 26.10
C VAL B 173 11.51 10.85 26.31
N ARG B 174 12.34 10.98 25.27
CA ARG B 174 13.75 10.64 25.36
C ARG B 174 14.57 11.85 24.95
N LEU B 175 15.48 12.29 25.81
CA LEU B 175 16.34 13.43 25.56
C LEU B 175 17.79 12.96 25.61
N TYR B 176 18.51 13.15 24.49
CA TYR B 176 19.91 12.77 24.43
C TYR B 176 20.78 13.85 25.04
N ILE B 177 21.72 13.44 25.88
CA ILE B 177 22.61 14.38 26.54
C ILE B 177 23.78 14.68 25.62
N ILE B 178 23.91 15.95 25.20
CA ILE B 178 24.97 16.36 24.29
C ILE B 178 25.80 17.46 24.95
N PRO B 179 26.89 17.12 25.63
CA PRO B 179 27.74 18.14 26.24
C PRO B 179 28.67 18.75 25.20
N GLY B 180 29.43 19.76 25.64
CA GLY B 180 30.40 20.39 24.77
C GLY B 180 29.84 21.31 23.73
N ILE B 181 28.61 21.80 23.91
CA ILE B 181 28.04 22.78 23.00
C ILE B 181 28.57 24.16 23.38
N SER B 182 29.30 24.79 22.48
CA SER B 182 29.95 26.05 22.79
C SER B 182 28.90 27.15 22.96
N LEU B 183 29.19 28.08 23.87
CA LEU B 183 28.27 29.17 24.14
C LEU B 183 28.19 30.17 22.98
N ASP B 184 29.19 30.18 22.09
CA ASP B 184 29.15 31.06 20.93
C ASP B 184 28.32 30.50 19.78
N THR B 185 27.81 29.28 19.90
CA THR B 185 27.04 28.67 18.82
C THR B 185 25.71 29.40 18.65
N ARG B 186 25.33 29.62 17.39
CA ARG B 186 24.13 30.36 17.06
C ARG B 186 22.89 29.47 17.03
N PHE B 187 21.79 30.00 17.55
CA PHE B 187 20.52 29.29 17.61
C PHE B 187 19.43 30.14 16.97
N GLU B 188 18.55 29.50 16.22
CA GLU B 188 17.34 30.13 15.68
C GLU B 188 16.40 29.04 15.20
N SER B 189 15.13 29.19 15.51
CA SER B 189 14.14 28.18 15.13
C SER B 189 13.82 28.26 13.64
N ARG B 190 13.53 27.10 13.06
CA ARG B 190 13.17 26.99 11.65
C ARG B 190 11.74 26.50 11.49
N THR B 191 10.83 27.03 12.30
CA THR B 191 9.41 26.72 12.21
C THR B 191 8.62 28.01 12.00
N ARG B 192 7.33 27.86 11.72
CA ARG B 192 6.48 29.03 11.51
C ARG B 192 5.99 29.63 12.81
N LYS B 193 5.95 28.84 13.89
CA LYS B 193 5.64 29.34 15.23
C LYS B 193 6.36 28.48 16.26
N GLU B 194 5.64 28.04 17.29
CA GLU B 194 6.09 26.96 18.17
C GLU B 194 7.27 27.35 19.05
N ILE B 195 8.20 28.15 18.53
CA ILE B 195 9.39 28.57 19.27
C ILE B 195 9.51 30.08 19.20
N SER B 196 9.55 30.73 20.35
CA SER B 196 9.72 32.18 20.43
C SER B 196 11.11 32.60 20.91
N LYS B 197 11.68 31.89 21.88
CA LYS B 197 12.98 32.24 22.44
C LYS B 197 13.86 31.01 22.54
N ILE B 198 15.18 31.23 22.44
CA ILE B 198 16.19 30.21 22.68
C ILE B 198 17.30 30.86 23.50
N GLU B 199 17.53 30.35 24.71
CA GLU B 199 18.58 30.89 25.57
C GLU B 199 19.21 29.77 26.38
N TRP B 200 20.33 30.10 27.01
CA TRP B 200 20.97 29.21 27.97
C TRP B 200 20.40 29.48 29.36
N HIS B 201 20.43 28.45 30.20
CA HIS B 201 19.97 28.57 31.57
C HIS B 201 20.93 27.86 32.51
N ASN B 202 21.22 28.49 33.65
CA ASN B 202 22.05 27.85 34.65
C ASN B 202 21.27 26.73 35.32
N LEU B 203 21.85 25.53 35.35
CA LEU B 203 21.18 24.39 35.94
C LEU B 203 20.94 24.58 37.44
N MET B 204 21.80 25.33 38.12
CA MET B 204 21.56 25.64 39.52
C MET B 204 20.37 26.55 39.71
N ASP B 205 20.05 27.37 38.71
CA ASP B 205 18.94 28.31 38.78
C ASP B 205 17.61 27.66 38.44
N LEU B 206 17.56 26.32 38.29
CA LEU B 206 16.32 25.63 37.98
C LEU B 206 15.69 25.04 39.24
N PRO B 207 14.35 25.02 39.29
CA PRO B 207 13.64 24.51 40.47
C PRO B 207 13.81 23.02 40.72
N THR B 208 14.55 22.64 41.75
CA THR B 208 14.79 21.24 42.04
C THR B 208 13.55 20.59 42.64
N PHE B 221 6.85 29.17 33.59
CA PHE B 221 7.32 28.08 34.43
C PHE B 221 7.90 26.97 33.57
N TYR B 222 8.36 25.89 34.20
CA TYR B 222 9.13 24.86 33.52
C TYR B 222 8.43 23.52 33.53
N MET B 223 8.48 22.84 32.39
CA MET B 223 8.19 21.40 32.30
C MET B 223 9.47 20.59 32.35
N VAL B 224 10.54 21.18 32.88
CA VAL B 224 11.87 20.57 32.86
C VAL B 224 12.15 19.74 34.12
N ILE B 225 11.40 19.99 35.20
CA ILE B 225 11.72 19.38 36.49
C ILE B 225 11.95 17.88 36.43
N PRO B 226 11.12 17.08 35.74
CA PRO B 226 11.34 15.62 35.76
C PRO B 226 12.74 15.18 35.36
N PHE B 227 13.39 15.90 34.45
CA PHE B 227 14.72 15.51 33.97
C PHE B 227 15.85 16.04 34.83
N LEU B 228 15.55 16.90 35.82
CA LEU B 228 16.63 17.49 36.61
C LEU B 228 17.26 16.49 37.57
N ALA B 229 16.48 15.52 38.07
CA ALA B 229 17.06 14.50 38.93
C ALA B 229 18.03 13.60 38.19
N PRO B 230 17.69 13.01 37.03
CA PRO B 230 18.69 12.17 36.35
C PRO B 230 19.84 12.96 35.75
N LEU B 231 19.59 14.17 35.25
CA LEU B 231 20.64 14.94 34.59
C LEU B 231 21.75 15.30 35.56
N LYS B 232 21.40 15.74 36.77
CA LYS B 232 22.41 16.13 37.75
C LYS B 232 23.27 14.94 38.14
N LYS B 233 22.66 13.76 38.29
CA LYS B 233 23.44 12.56 38.57
C LYS B 233 24.35 12.20 37.41
N TRP B 234 23.91 12.48 36.18
CA TRP B 234 24.74 12.18 35.01
C TRP B 234 25.92 13.13 34.90
N ILE B 235 25.75 14.39 35.30
CA ILE B 235 26.83 15.37 35.20
C ILE B 235 27.87 15.14 36.30
N LYS B 236 27.41 14.84 37.52
CA LYS B 236 28.34 14.59 38.61
C LYS B 236 29.23 13.38 38.33
N LYS B 237 28.74 12.42 37.55
CA LYS B 237 29.56 11.31 37.13
C LYS B 237 30.73 11.78 36.27
N ARG B 238 30.51 12.79 35.43
CA ARG B 238 31.56 13.34 34.59
C ARG B 238 32.07 14.66 35.16
N ILE C 2 5.65 3.22 16.08
CA ILE C 2 4.30 2.79 16.45
C ILE C 2 3.30 3.88 16.08
N LEU C 3 3.41 5.03 16.72
CA LEU C 3 2.57 6.19 16.46
C LEU C 3 3.46 7.32 15.96
N TYR C 4 2.95 8.13 15.04
CA TYR C 4 3.75 9.19 14.45
C TYR C 4 2.91 10.43 14.26
N ALA C 5 3.57 11.58 14.24
CA ALA C 5 2.93 12.86 13.99
C ALA C 5 3.24 13.44 12.62
N GLY C 6 4.25 12.91 11.93
CA GLY C 6 4.66 13.44 10.66
C GLY C 6 4.70 12.38 9.57
N PRO C 7 3.93 12.59 8.51
CA PRO C 7 3.89 11.61 7.42
C PRO C 7 5.20 11.48 6.66
N THR C 8 5.23 10.59 5.67
CA THR C 8 6.45 10.38 4.89
C THR C 8 6.66 11.49 3.86
N PHE C 9 5.59 11.93 3.19
CA PHE C 9 5.74 12.95 2.16
C PHE C 9 6.25 14.28 2.71
N THR C 10 6.14 14.50 4.03
CA THR C 10 6.75 15.68 4.62
C THR C 10 8.27 15.62 4.54
N HIS C 11 8.84 14.42 4.56
CA HIS C 11 10.29 14.25 4.47
C HIS C 11 10.69 14.13 3.00
N SER C 12 10.52 15.25 2.29
CA SER C 12 10.96 15.31 0.90
C SER C 12 12.49 15.22 0.85
N PRO C 13 13.05 14.58 -0.18
CA PRO C 13 14.50 14.43 -0.26
C PRO C 13 15.21 15.77 -0.30
N ALA C 14 16.42 15.80 0.26
CA ALA C 14 17.23 17.01 0.29
C ALA C 14 17.50 17.51 -1.13
N ALA C 15 17.79 18.81 -1.22
CA ALA C 15 18.08 19.42 -2.53
C ALA C 15 19.30 18.79 -3.19
N SER C 16 20.22 18.22 -2.40
CA SER C 16 21.38 17.56 -2.97
C SER C 16 21.03 16.25 -3.67
N ASN C 17 19.91 15.63 -3.31
CA ASN C 17 19.53 14.36 -3.92
C ASN C 17 19.14 14.50 -5.39
N LEU C 18 18.70 15.68 -5.81
CA LEU C 18 18.20 15.83 -7.16
C LEU C 18 19.32 15.65 -8.18
N PRO C 19 19.02 15.08 -9.34
CA PRO C 19 20.07 14.77 -10.31
C PRO C 19 20.60 16.03 -10.97
N ILE C 20 21.83 15.90 -11.49
CA ILE C 20 22.45 16.97 -12.27
C ILE C 20 22.84 16.41 -13.62
N PRO C 21 21.92 16.33 -14.58
CA PRO C 21 22.29 15.91 -15.94
C PRO C 21 23.33 16.86 -16.53
N THR C 22 24.04 16.36 -17.54
CA THR C 22 25.09 17.14 -18.16
C THR C 22 24.57 18.47 -18.70
N PHE C 23 23.33 18.49 -19.20
CA PHE C 23 22.79 19.70 -19.79
C PHE C 23 22.38 20.75 -18.76
N LEU C 24 22.47 20.44 -17.47
CA LEU C 24 22.19 21.43 -16.44
C LEU C 24 23.47 22.17 -16.05
N ALA D 2 16.85 2.31 -10.04
CA ALA D 2 16.49 0.90 -9.93
C ALA D 2 15.01 0.70 -10.26
N MET D 3 14.17 1.63 -9.81
CA MET D 3 12.75 1.55 -10.11
C MET D 3 12.49 1.69 -11.59
N GLU D 4 13.18 2.62 -12.26
CA GLU D 4 13.03 2.75 -13.70
C GLU D 4 13.69 1.60 -14.44
N ASP D 5 14.79 1.07 -13.90
CA ASP D 5 15.43 -0.09 -14.51
C ASP D 5 14.56 -1.33 -14.41
N GLU D 6 13.96 -1.56 -13.23
CA GLU D 6 13.10 -2.73 -13.06
C GLU D 6 11.90 -2.69 -14.00
N ASN D 7 11.35 -1.49 -14.24
CA ASN D 7 10.25 -1.36 -15.20
C ASN D 7 10.71 -1.66 -16.62
N ILE D 8 11.98 -1.39 -16.93
CA ILE D 8 12.49 -1.67 -18.27
C ILE D 8 12.66 -3.17 -18.47
N LEU D 9 13.27 -3.85 -17.50
CA LEU D 9 13.41 -5.30 -17.58
C LEU D 9 12.06 -5.99 -17.50
N ARG D 10 11.13 -5.44 -16.69
CA ARG D 10 9.80 -6.03 -16.60
C ARG D 10 9.06 -5.96 -17.92
N ASN D 11 9.05 -4.78 -18.54
CA ASN D 11 8.35 -4.62 -19.81
C ASN D 11 9.03 -5.41 -20.93
N ALA D 12 10.34 -5.63 -20.82
CA ALA D 12 11.05 -6.42 -21.82
C ALA D 12 10.58 -7.87 -21.81
N VAL D 13 10.57 -8.50 -20.63
CA VAL D 13 10.13 -9.88 -20.54
C VAL D 13 8.64 -9.99 -20.87
N ASN D 14 7.84 -9.03 -20.40
CA ASN D 14 6.40 -9.05 -20.69
C ASN D 14 6.14 -9.04 -22.19
N LEU D 15 6.75 -8.09 -22.90
CA LEU D 15 6.49 -7.97 -24.34
C LEU D 15 6.98 -9.19 -25.10
N GLN D 16 8.11 -9.77 -24.68
CA GLN D 16 8.63 -10.95 -25.36
C GLN D 16 7.71 -12.15 -25.17
N VAL D 17 7.10 -12.28 -23.98
CA VAL D 17 6.18 -13.38 -23.74
C VAL D 17 4.87 -13.16 -24.49
N LEU D 18 4.38 -11.92 -24.53
CA LEU D 18 3.16 -11.62 -25.27
C LEU D 18 3.31 -11.91 -26.76
N LYS D 19 4.43 -11.46 -27.35
CA LYS D 19 4.69 -11.79 -28.74
C LYS D 19 4.89 -13.28 -28.94
N PHE D 20 5.37 -13.99 -27.91
CA PHE D 20 5.54 -15.43 -28.01
C PHE D 20 4.20 -16.14 -28.20
N HIS D 21 3.17 -15.68 -27.51
CA HIS D 21 1.83 -16.27 -27.63
C HIS D 21 1.03 -15.66 -28.76
N TYR D 22 1.18 -14.36 -28.99
CA TYR D 22 0.48 -13.66 -30.07
C TYR D 22 1.49 -12.76 -30.78
N PRO D 23 2.08 -13.24 -31.89
CA PRO D 23 3.09 -12.42 -32.58
C PRO D 23 2.53 -11.13 -33.17
N GLU D 24 1.21 -11.03 -33.34
CA GLU D 24 0.62 -9.80 -33.86
C GLU D 24 0.69 -8.65 -32.85
N ILE D 25 0.84 -8.96 -31.56
CA ILE D 25 0.97 -7.91 -30.55
C ILE D 25 2.20 -7.08 -30.82
N GLU D 26 2.07 -5.76 -30.71
CA GLU D 26 3.18 -4.84 -30.96
C GLU D 26 3.74 -4.24 -29.67
N SER D 27 2.91 -3.60 -28.86
CA SER D 27 3.39 -2.91 -27.65
C SER D 27 2.39 -3.10 -26.52
N ILE D 28 2.78 -2.63 -25.34
CA ILE D 28 1.99 -2.75 -24.13
C ILE D 28 1.61 -1.34 -23.68
N ILE D 29 0.30 -1.07 -23.62
CA ILE D 29 -0.17 0.24 -23.21
C ILE D 29 -0.17 0.38 -21.69
N ASP D 30 -0.71 -0.63 -20.98
CA ASP D 30 -0.71 -0.61 -19.53
C ASP D 30 -0.91 -2.04 -19.02
N ILE D 31 -0.73 -2.20 -17.72
CA ILE D 31 -0.74 -3.51 -17.08
C ILE D 31 -1.50 -3.41 -15.74
N ALA D 32 -2.37 -4.38 -15.49
CA ALA D 32 -2.99 -4.56 -14.18
C ALA D 32 -2.43 -5.81 -13.53
N SER D 33 -2.18 -5.73 -12.22
CA SER D 33 -1.44 -6.79 -11.54
C SER D 33 -2.19 -8.12 -11.60
N HIS D 34 -3.48 -8.10 -11.27
CA HIS D 34 -4.28 -9.32 -11.27
C HIS D 34 -5.72 -8.98 -11.58
N VAL D 35 -6.33 -9.76 -12.46
CA VAL D 35 -7.72 -9.55 -12.87
C VAL D 35 -8.44 -10.89 -12.88
N ALA D 36 -9.59 -10.94 -12.21
CA ALA D 36 -10.47 -12.10 -12.28
C ALA D 36 -11.53 -11.87 -13.35
N VAL D 37 -11.72 -12.85 -14.21
CA VAL D 37 -12.66 -12.75 -15.32
C VAL D 37 -13.95 -13.46 -14.95
N TYR D 38 -15.07 -12.90 -15.40
CA TYR D 38 -16.39 -13.50 -15.22
C TYR D 38 -17.13 -13.43 -16.54
N GLN D 39 -18.24 -14.17 -16.61
CA GLN D 39 -19.09 -14.15 -17.79
C GLN D 39 -20.55 -14.13 -17.34
N PHE D 40 -21.31 -13.18 -17.85
CA PHE D 40 -22.72 -13.05 -17.53
C PHE D 40 -23.53 -13.90 -18.49
N ASP D 41 -24.27 -14.86 -17.95
CA ASP D 41 -25.09 -15.77 -18.76
C ASP D 41 -26.46 -15.12 -18.94
N VAL D 42 -26.67 -14.53 -20.12
CA VAL D 42 -28.00 -14.03 -20.46
C VAL D 42 -28.90 -15.21 -20.76
N GLY D 43 -30.19 -15.05 -20.47
CA GLY D 43 -31.14 -16.16 -20.50
C GLY D 43 -31.16 -16.88 -19.17
N SER D 44 -29.98 -17.10 -18.58
CA SER D 44 -29.88 -17.55 -17.20
C SER D 44 -29.88 -16.39 -16.22
N GLN D 45 -29.56 -15.17 -16.69
CA GLN D 45 -29.66 -13.95 -15.90
C GLN D 45 -28.77 -13.98 -14.66
N LYS D 46 -27.68 -14.75 -14.71
CA LYS D 46 -26.77 -14.87 -13.58
C LYS D 46 -25.34 -14.75 -14.08
N TRP D 47 -24.46 -14.30 -13.18
CA TRP D 47 -23.04 -14.23 -13.49
C TRP D 47 -22.38 -15.58 -13.30
N LEU D 48 -21.57 -15.99 -14.27
CA LEU D 48 -20.77 -17.20 -14.17
C LEU D 48 -19.32 -16.81 -13.94
N LYS D 49 -18.70 -17.39 -12.91
CA LYS D 49 -17.30 -17.13 -12.58
C LYS D 49 -16.43 -18.10 -13.35
N THR D 50 -15.81 -17.63 -14.43
CA THR D 50 -14.82 -18.42 -15.14
C THR D 50 -13.47 -18.34 -14.42
N SER D 51 -12.74 -19.44 -14.46
CA SER D 51 -11.49 -19.58 -13.72
C SER D 51 -10.32 -18.84 -14.37
N ILE D 52 -10.60 -17.82 -15.18
CA ILE D 52 -9.54 -17.04 -15.82
C ILE D 52 -9.03 -15.96 -14.88
N GLU D 53 -7.99 -16.28 -14.12
CA GLU D 53 -7.32 -15.34 -13.23
C GLU D 53 -5.88 -15.18 -13.68
N GLY D 54 -5.46 -13.93 -13.88
CA GLY D 54 -4.08 -13.70 -14.30
C GLY D 54 -3.78 -12.23 -14.41
N THR D 55 -2.55 -11.95 -14.86
CA THR D 55 -2.13 -10.58 -15.09
C THR D 55 -2.78 -10.01 -16.35
N PHE D 56 -3.09 -8.72 -16.30
CA PHE D 56 -3.85 -8.03 -17.34
C PHE D 56 -2.91 -7.15 -18.15
N PHE D 57 -2.93 -7.31 -19.47
CA PHE D 57 -2.04 -6.58 -20.37
C PHE D 57 -2.88 -5.83 -21.40
N LEU D 58 -3.02 -4.53 -21.22
CA LEU D 58 -3.65 -3.67 -22.23
C LEU D 58 -2.64 -3.42 -23.34
N VAL D 59 -2.82 -4.08 -24.48
CA VAL D 59 -1.82 -4.10 -25.54
C VAL D 59 -2.41 -3.49 -26.81
N LYS D 60 -1.54 -3.33 -27.81
CA LYS D 60 -1.91 -2.86 -29.14
C LYS D 60 -1.14 -3.69 -30.16
N ASP D 61 -1.84 -4.21 -31.16
CA ASP D 61 -1.23 -5.08 -32.14
C ASP D 61 -0.64 -4.26 -33.29
N GLN D 62 0.02 -4.95 -34.22
CA GLN D 62 0.67 -4.27 -35.34
C GLN D 62 -0.32 -3.65 -36.32
N ARG D 63 -1.62 -3.89 -36.16
CA ARG D 63 -2.65 -3.23 -36.96
C ARG D 63 -3.37 -2.14 -36.19
N ALA D 64 -2.75 -1.63 -35.12
CA ALA D 64 -3.28 -0.53 -34.31
C ALA D 64 -4.60 -0.88 -33.62
N ARG D 65 -4.87 -2.16 -33.41
CA ARG D 65 -6.05 -2.59 -32.67
C ARG D 65 -5.71 -2.67 -31.18
N VAL D 66 -6.53 -2.02 -30.36
CA VAL D 66 -6.35 -2.04 -28.92
C VAL D 66 -7.11 -3.23 -28.34
N GLY D 67 -6.43 -4.02 -27.51
CA GLY D 67 -7.03 -5.18 -26.88
C GLY D 67 -6.39 -5.43 -25.53
N TYR D 68 -6.79 -6.51 -24.89
CA TYR D 68 -6.21 -6.87 -23.60
C TYR D 68 -5.97 -8.37 -23.52
N VAL D 69 -4.88 -8.74 -22.84
CA VAL D 69 -4.44 -10.12 -22.72
C VAL D 69 -4.30 -10.45 -21.25
N ILE D 70 -4.91 -11.56 -20.81
CA ILE D 70 -4.77 -12.06 -19.45
C ILE D 70 -4.06 -13.40 -19.50
N LEU D 71 -2.88 -13.46 -18.89
CA LEU D 71 -2.09 -14.70 -18.80
C LEU D 71 -2.65 -15.55 -17.67
N ASN D 72 -3.59 -16.43 -18.03
CA ASN D 72 -4.30 -17.24 -17.07
C ASN D 72 -3.34 -18.06 -16.21
N ARG D 73 -3.41 -17.87 -14.90
CA ARG D 73 -2.61 -18.64 -13.95
C ARG D 73 -3.20 -20.02 -13.66
N ASN D 74 -4.45 -20.25 -14.04
CA ASN D 74 -5.13 -21.50 -13.73
C ASN D 74 -5.09 -22.52 -14.86
N SER D 75 -4.80 -22.11 -16.09
CA SER D 75 -4.74 -23.00 -17.23
C SER D 75 -4.04 -22.29 -18.37
N PRO D 76 -3.55 -23.04 -19.38
CA PRO D 76 -2.92 -22.38 -20.54
C PRO D 76 -3.89 -21.56 -21.38
N GLU D 77 -5.19 -21.63 -21.12
CA GLU D 77 -6.19 -20.90 -21.89
C GLU D 77 -6.13 -19.43 -21.52
N ASN D 78 -5.42 -18.63 -22.31
CA ASN D 78 -5.36 -17.20 -22.09
C ASN D 78 -6.62 -16.53 -22.65
N LEU D 79 -6.77 -15.25 -22.35
CA LEU D 79 -7.90 -14.46 -22.82
C LEU D 79 -7.38 -13.24 -23.55
N TYR D 80 -7.56 -13.22 -24.87
CA TYR D 80 -7.22 -12.09 -25.71
C TYR D 80 -8.51 -11.58 -26.35
N LEU D 81 -8.89 -10.36 -26.01
CA LEU D 81 -10.13 -9.76 -26.50
C LEU D 81 -9.84 -8.34 -26.96
N PHE D 82 -10.40 -7.97 -28.11
CA PHE D 82 -10.24 -6.63 -28.64
C PHE D 82 -11.32 -5.70 -28.10
N ILE D 83 -11.00 -4.41 -28.07
CA ILE D 83 -11.95 -3.37 -27.70
C ILE D 83 -12.12 -2.48 -28.94
N ASN D 84 -13.16 -2.77 -29.72
CA ASN D 84 -13.36 -2.05 -30.98
C ASN D 84 -13.92 -0.66 -30.76
N HIS D 85 -14.67 -0.46 -29.67
CA HIS D 85 -15.18 0.86 -29.32
C HIS D 85 -15.31 0.93 -27.80
N PRO D 86 -14.90 2.04 -27.18
CA PRO D 86 -14.90 2.13 -25.72
C PRO D 86 -16.28 2.12 -25.09
N SER D 87 -17.35 2.30 -25.88
CA SER D 87 -18.69 2.25 -25.33
C SER D 87 -19.15 0.82 -25.05
N ASN D 88 -18.27 -0.16 -25.23
CA ASN D 88 -18.54 -1.54 -24.86
C ASN D 88 -17.98 -1.90 -23.49
N VAL D 89 -17.13 -1.05 -22.92
CA VAL D 89 -16.58 -1.23 -21.58
C VAL D 89 -17.27 -0.25 -20.64
N HIS D 90 -17.72 -0.73 -19.49
CA HIS D 90 -18.44 0.09 -18.54
C HIS D 90 -17.80 -0.05 -17.16
N LEU D 91 -17.59 1.08 -16.48
CA LEU D 91 -17.14 1.06 -15.09
C LEU D 91 -18.39 1.05 -14.22
N VAL D 92 -18.75 -0.13 -13.73
CA VAL D 92 -19.95 -0.32 -12.92
C VAL D 92 -19.53 -0.96 -11.61
N ASP D 93 -19.77 -0.24 -10.51
CA ASP D 93 -19.47 -0.70 -9.15
C ASP D 93 -17.96 -0.94 -9.05
N ARG D 94 -17.51 -2.14 -8.71
CA ARG D 94 -16.09 -2.45 -8.53
C ARG D 94 -15.53 -3.24 -9.70
N TYR D 95 -16.27 -3.31 -10.81
CA TYR D 95 -15.90 -4.17 -11.92
C TYR D 95 -16.02 -3.42 -13.23
N LEU D 96 -15.29 -3.90 -14.23
CA LEU D 96 -15.48 -3.47 -15.60
C LEU D 96 -16.30 -4.51 -16.33
N ILE D 97 -17.26 -4.05 -17.12
CA ILE D 97 -18.15 -4.92 -17.87
C ILE D 97 -17.91 -4.64 -19.34
N HIS D 98 -17.30 -5.60 -20.03
CA HIS D 98 -17.01 -5.46 -21.46
C HIS D 98 -18.02 -6.31 -22.23
N ARG D 99 -18.82 -5.65 -23.06
CA ARG D 99 -19.77 -6.34 -23.93
C ARG D 99 -19.19 -6.38 -25.33
N THR D 100 -18.55 -7.49 -25.68
CA THR D 100 -17.97 -7.64 -27.01
C THR D 100 -19.07 -7.62 -28.06
N GLU D 101 -18.66 -7.37 -29.31
CA GLU D 101 -19.61 -7.16 -30.40
C GLU D 101 -20.54 -8.36 -30.58
N ASN D 102 -20.01 -9.58 -30.40
CA ASN D 102 -20.79 -10.79 -30.64
C ASN D 102 -21.54 -11.28 -29.41
N GLN D 103 -22.29 -10.37 -28.76
CA GLN D 103 -23.22 -10.69 -27.68
C GLN D 103 -22.55 -11.52 -26.59
N HIS D 104 -21.37 -11.08 -26.16
CA HIS D 104 -20.66 -11.68 -25.04
C HIS D 104 -20.47 -10.63 -23.96
N VAL D 105 -20.74 -11.01 -22.72
CA VAL D 105 -20.61 -10.12 -21.58
C VAL D 105 -19.51 -10.67 -20.69
N VAL D 106 -18.40 -9.95 -20.59
CA VAL D 106 -17.25 -10.35 -19.80
C VAL D 106 -17.11 -9.38 -18.63
N GLY D 107 -16.90 -9.93 -17.44
CA GLY D 107 -16.72 -9.11 -16.26
C GLY D 107 -15.33 -9.23 -15.68
N LEU D 108 -14.59 -8.12 -15.68
CA LEU D 108 -13.21 -8.10 -15.21
C LEU D 108 -13.16 -7.44 -13.84
N TRP D 109 -12.70 -8.19 -12.83
CA TRP D 109 -12.46 -7.64 -11.50
C TRP D 109 -10.97 -7.45 -11.32
N MET D 110 -10.54 -6.21 -11.19
CA MET D 110 -9.13 -5.87 -11.02
C MET D 110 -8.82 -5.76 -9.54
N PHE D 111 -7.81 -6.52 -9.09
CA PHE D 111 -7.47 -6.55 -7.68
C PHE D 111 -7.12 -5.15 -7.16
N ASP D 112 -6.41 -4.37 -7.96
CA ASP D 112 -6.08 -3.00 -7.58
C ASP D 112 -7.15 -2.05 -8.12
N PRO D 113 -7.90 -1.35 -7.27
CA PRO D 113 -8.88 -0.38 -7.77
C PRO D 113 -8.24 0.72 -8.61
N ASN D 114 -7.02 1.14 -8.28
CA ASN D 114 -6.34 2.13 -9.09
C ASN D 114 -6.07 1.61 -10.50
N ASP D 115 -5.73 0.32 -10.61
CA ASP D 115 -5.58 -0.28 -11.93
C ASP D 115 -6.90 -0.31 -12.68
N MET D 116 -8.00 -0.51 -11.95
CA MET D 116 -9.33 -0.45 -12.58
C MET D 116 -9.60 0.93 -13.17
N SER D 117 -9.44 1.97 -12.35
CA SER D 117 -9.74 3.33 -12.82
C SER D 117 -8.78 3.76 -13.92
N ARG D 118 -7.50 3.40 -13.80
CA ARG D 118 -6.52 3.85 -14.79
C ARG D 118 -6.74 3.14 -16.13
N ILE D 119 -6.98 1.83 -16.10
CA ILE D 119 -7.28 1.10 -17.33
C ILE D 119 -8.55 1.64 -17.98
N PHE D 120 -9.59 1.89 -17.16
CA PHE D 120 -10.85 2.40 -17.70
C PHE D 120 -10.66 3.76 -18.36
N ASN D 121 -9.90 4.64 -17.74
CA ASN D 121 -9.70 5.98 -18.29
C ASN D 121 -8.84 5.94 -19.55
N ILE D 122 -7.92 4.99 -19.65
CA ILE D 122 -7.11 4.85 -20.86
C ILE D 122 -8.00 4.46 -22.03
N VAL D 123 -8.90 3.50 -21.82
CA VAL D 123 -9.78 3.05 -22.89
C VAL D 123 -10.71 4.17 -23.32
N LYS D 124 -11.18 4.97 -22.37
CA LYS D 124 -12.11 6.05 -22.70
C LYS D 124 -11.42 7.18 -23.46
N GLU D 125 -10.11 7.36 -23.26
CA GLU D 125 -9.37 8.38 -23.99
C GLU D 125 -8.72 7.87 -25.27
N SER D 126 -8.46 6.56 -25.36
CA SER D 126 -7.72 6.02 -26.50
C SER D 126 -8.53 6.03 -27.79
N LEU D 127 -9.86 6.08 -27.70
CA LEU D 127 -10.69 6.09 -28.89
C LEU D 127 -11.84 7.09 -28.75
N SER E 4 0.55 -21.57 -26.43
CA SER E 4 0.88 -22.96 -26.74
C SER E 4 2.39 -23.22 -26.62
N PHE E 5 2.74 -24.08 -25.66
CA PHE E 5 4.12 -24.54 -25.47
C PHE E 5 4.40 -25.82 -26.24
N THR E 6 3.61 -26.13 -27.27
CA THR E 6 3.67 -27.43 -27.93
C THR E 6 5.11 -27.81 -28.31
N ASN E 7 5.91 -26.83 -28.71
CA ASN E 7 7.36 -27.01 -28.81
C ASN E 7 8.00 -25.67 -28.45
N ALA E 8 8.53 -25.58 -27.24
CA ALA E 8 9.10 -24.34 -26.72
C ALA E 8 10.25 -24.66 -25.80
N THR E 9 11.33 -23.90 -25.93
CA THR E 9 12.52 -24.16 -25.14
C THR E 9 12.26 -23.92 -23.67
N PHE E 10 13.08 -24.55 -22.83
CA PHE E 10 12.98 -24.34 -21.39
C PHE E 10 13.21 -22.89 -21.01
N SER E 11 13.99 -22.16 -21.80
CA SER E 11 14.18 -20.74 -21.56
C SER E 11 12.91 -19.95 -21.87
N GLN E 12 12.28 -20.23 -23.02
CA GLN E 12 11.01 -19.59 -23.33
C GLN E 12 9.95 -19.92 -22.30
N VAL E 13 9.99 -21.13 -21.74
CA VAL E 13 9.05 -21.50 -20.67
C VAL E 13 9.29 -20.64 -19.44
N LEU E 14 10.54 -20.55 -18.98
CA LEU E 14 10.83 -19.75 -17.80
C LEU E 14 10.55 -18.28 -18.04
N ASP E 15 10.69 -17.80 -19.28
CA ASP E 15 10.30 -16.44 -19.60
C ASP E 15 8.80 -16.24 -19.40
N ASP E 16 7.99 -17.18 -19.90
CA ASP E 16 6.55 -17.12 -19.69
C ASP E 16 6.22 -17.19 -18.21
N LEU E 17 6.75 -18.20 -17.52
CA LEU E 17 6.45 -18.37 -16.10
C LEU E 17 6.92 -17.18 -15.27
N SER E 18 7.94 -16.47 -15.72
CA SER E 18 8.36 -15.24 -15.05
C SER E 18 7.26 -14.19 -15.15
N ALA E 19 6.83 -13.88 -16.37
CA ALA E 19 5.83 -12.85 -16.58
C ALA E 19 4.45 -13.27 -16.09
N ARG E 20 4.23 -14.56 -15.85
CA ARG E 20 2.91 -15.06 -15.49
C ARG E 20 2.67 -15.13 -13.99
N PHE E 21 3.70 -15.41 -13.20
CA PHE E 21 3.53 -15.62 -11.76
C PHE E 21 4.41 -14.75 -10.87
N ILE E 22 5.47 -14.15 -11.39
CA ILE E 22 6.50 -13.52 -10.56
C ILE E 22 6.62 -12.03 -10.87
N LEU E 23 6.76 -11.67 -12.15
CA LEU E 23 7.23 -10.35 -12.51
C LEU E 23 6.18 -9.25 -12.36
N ASN E 24 4.88 -9.60 -12.36
CA ASN E 24 3.82 -8.61 -12.34
C ASN E 24 2.91 -8.78 -11.13
N LEU E 25 3.43 -9.32 -10.04
CA LEU E 25 2.64 -9.52 -8.83
C LEU E 25 2.27 -8.19 -8.18
N PRO E 26 1.20 -8.17 -7.41
CA PRO E 26 0.96 -7.02 -6.52
C PRO E 26 2.11 -6.86 -5.53
N ALA E 27 2.40 -5.62 -5.18
CA ALA E 27 3.56 -5.33 -4.35
C ALA E 27 3.50 -6.00 -2.98
N GLU E 28 2.30 -6.43 -2.55
CA GLU E 28 2.18 -7.10 -1.26
C GLU E 28 2.88 -8.45 -1.25
N GLU E 29 3.06 -9.08 -2.41
CA GLU E 29 3.69 -10.38 -2.50
C GLU E 29 5.01 -10.32 -3.26
N GLN E 30 5.48 -9.12 -3.58
CA GLN E 30 6.78 -8.90 -4.20
C GLN E 30 7.79 -8.34 -3.22
N SER E 31 7.42 -8.13 -1.96
CA SER E 31 8.27 -7.49 -0.97
C SER E 31 9.15 -8.47 -0.21
N SER E 32 8.60 -9.62 0.17
CA SER E 32 9.35 -10.63 0.89
C SER E 32 9.96 -11.65 -0.06
N VAL E 33 10.83 -12.49 0.49
CA VAL E 33 11.39 -13.59 -0.29
C VAL E 33 10.45 -14.79 -0.26
N GLU E 34 9.86 -15.08 0.90
CA GLU E 34 8.94 -16.19 1.02
C GLU E 34 7.70 -15.97 0.16
N ARG E 35 7.17 -14.74 0.12
CA ARG E 35 5.99 -14.47 -0.69
C ARG E 35 6.27 -14.70 -2.16
N LEU E 36 7.49 -14.38 -2.62
CA LEU E 36 7.85 -14.69 -3.99
C LEU E 36 7.89 -16.20 -4.24
N CYS E 37 8.38 -16.96 -3.25
CA CYS E 37 8.54 -18.40 -3.44
C CYS E 37 7.19 -19.13 -3.47
N PHE E 38 6.15 -18.56 -2.84
CA PHE E 38 4.83 -19.17 -2.94
C PHE E 38 4.29 -19.07 -4.36
N GLN E 39 4.57 -17.96 -5.04
CA GLN E 39 4.22 -17.87 -6.46
C GLN E 39 5.13 -18.73 -7.32
N ILE E 40 6.36 -18.99 -6.86
CA ILE E 40 7.21 -19.96 -7.53
C ILE E 40 6.57 -21.33 -7.50
N GLU E 41 6.00 -21.70 -6.35
CA GLU E 41 5.29 -22.98 -6.24
C GLU E 41 4.07 -23.00 -7.15
N GLN E 42 3.39 -21.85 -7.29
CA GLN E 42 2.31 -21.74 -8.24
C GLN E 42 2.82 -21.88 -9.67
N ALA E 43 3.95 -21.25 -9.98
CA ALA E 43 4.56 -21.39 -11.31
C ALA E 43 5.06 -22.81 -11.53
N HIS E 44 5.45 -23.51 -10.46
CA HIS E 44 5.87 -24.91 -10.60
C HIS E 44 4.69 -25.79 -10.98
N TRP E 45 3.56 -25.63 -10.30
CA TRP E 45 2.38 -26.43 -10.61
C TRP E 45 1.90 -26.15 -12.04
N PHE E 46 2.01 -24.91 -12.50
CA PHE E 46 1.68 -24.60 -13.88
C PHE E 46 2.62 -25.32 -14.85
N TYR E 47 3.92 -25.26 -14.56
CA TYR E 47 4.91 -25.90 -15.42
C TYR E 47 4.74 -27.42 -15.44
N GLU E 48 4.55 -28.01 -14.26
CA GLU E 48 4.44 -29.46 -14.16
C GLU E 48 3.17 -29.97 -14.84
N ASP E 49 2.03 -29.37 -14.54
CA ASP E 49 0.75 -29.90 -15.00
C ASP E 49 0.43 -29.50 -16.43
N PHE E 50 0.75 -28.27 -16.82
CA PHE E 50 0.34 -27.72 -18.11
C PHE E 50 1.46 -27.65 -19.13
N ILE E 51 2.59 -27.04 -18.78
CA ILE E 51 3.65 -26.84 -19.76
C ILE E 51 4.32 -28.15 -20.11
N ARG E 52 4.54 -29.02 -19.11
CA ARG E 52 5.11 -30.33 -19.37
C ARG E 52 4.09 -31.31 -19.94
N ALA E 53 2.90 -30.85 -20.32
CA ALA E 53 1.91 -31.67 -20.99
C ALA E 53 1.76 -31.35 -22.46
N GLN E 54 2.21 -30.17 -22.91
CA GLN E 54 2.26 -29.84 -24.31
C GLN E 54 3.62 -30.13 -24.93
N ASN E 55 4.67 -30.19 -24.13
CA ASN E 55 6.01 -30.54 -24.58
C ASN E 55 6.54 -31.63 -23.65
N ASP E 56 6.44 -32.88 -24.08
CA ASP E 56 6.90 -34.00 -23.26
C ASP E 56 8.41 -33.99 -23.05
N GLN E 57 9.15 -33.30 -23.92
CA GLN E 57 10.61 -33.26 -23.80
C GLN E 57 11.08 -32.50 -22.56
N LEU E 58 10.23 -31.64 -22.00
CA LEU E 58 10.61 -30.88 -20.81
C LEU E 58 10.67 -31.81 -19.60
N PRO E 59 11.68 -31.66 -18.75
CA PRO E 59 11.82 -32.57 -17.61
C PRO E 59 10.95 -32.18 -16.42
N SER E 60 10.50 -33.20 -15.69
CA SER E 60 9.80 -32.98 -14.43
C SER E 60 10.80 -32.64 -13.34
N LEU E 61 10.66 -31.45 -12.74
CA LEU E 61 11.62 -30.97 -11.76
C LEU E 61 10.97 -30.85 -10.39
N GLY E 62 11.74 -31.18 -9.36
CA GLY E 62 11.30 -30.91 -8.01
C GLY E 62 11.15 -29.42 -7.75
N LEU E 63 10.38 -29.09 -6.71
CA LEU E 63 10.09 -27.69 -6.42
C LEU E 63 11.36 -26.90 -6.14
N ARG E 64 12.31 -27.51 -5.42
CA ARG E 64 13.55 -26.81 -5.12
C ARG E 64 14.40 -26.63 -6.38
N VAL E 65 14.43 -27.65 -7.25
CA VAL E 65 15.21 -27.55 -8.48
C VAL E 65 14.57 -26.54 -9.43
N PHE E 66 13.25 -26.58 -9.57
CA PHE E 66 12.57 -25.63 -10.46
C PHE E 66 12.78 -24.20 -10.02
N SER E 67 12.70 -23.94 -8.71
CA SER E 67 12.92 -22.58 -8.21
C SER E 67 14.34 -22.11 -8.51
N ALA E 68 15.33 -23.00 -8.36
CA ALA E 68 16.71 -22.62 -8.62
C ALA E 68 16.89 -22.20 -10.08
N LYS E 69 16.32 -22.96 -11.01
CA LYS E 69 16.40 -22.58 -12.42
C LYS E 69 15.72 -21.24 -12.67
N LEU E 70 14.54 -21.04 -12.06
CA LEU E 70 13.80 -19.80 -12.30
C LEU E 70 14.45 -18.61 -11.61
N PHE E 71 15.07 -18.82 -10.45
CA PHE E 71 15.78 -17.72 -9.79
C PHE E 71 16.99 -17.28 -10.62
N ALA E 72 17.67 -18.24 -11.25
CA ALA E 72 18.78 -17.92 -12.13
C ALA E 72 18.35 -17.34 -13.47
N HIS E 73 17.04 -17.26 -13.73
CA HIS E 73 16.52 -16.80 -15.01
C HIS E 73 15.86 -15.43 -14.90
N CYS E 74 14.87 -15.28 -14.03
CA CYS E 74 14.10 -14.05 -13.96
C CYS E 74 14.97 -12.93 -13.41
N PRO E 75 15.06 -11.79 -14.11
CA PRO E 75 15.99 -10.72 -13.66
C PRO E 75 15.67 -10.17 -12.28
N LEU E 76 14.40 -10.16 -11.90
CA LEU E 76 14.04 -9.68 -10.56
C LEU E 76 14.71 -10.52 -9.48
N LEU E 77 14.85 -11.81 -9.72
CA LEU E 77 15.32 -12.77 -8.71
C LEU E 77 16.82 -12.97 -8.72
N TRP E 78 17.56 -12.25 -9.57
CA TRP E 78 19.00 -12.49 -9.68
C TRP E 78 19.73 -12.20 -8.38
N LYS E 79 19.20 -11.32 -7.54
CA LYS E 79 19.87 -10.99 -6.28
C LYS E 79 19.93 -12.19 -5.34
N TRP E 80 18.87 -13.00 -5.33
CA TRP E 80 18.76 -14.15 -4.44
C TRP E 80 19.33 -15.44 -5.04
N SER E 81 19.87 -15.39 -6.25
CA SER E 81 20.29 -16.61 -6.93
C SER E 81 21.46 -17.29 -6.22
N LYS E 82 22.36 -16.52 -5.61
CA LYS E 82 23.50 -17.14 -4.94
C LYS E 82 23.07 -17.84 -3.65
N VAL E 83 22.20 -17.22 -2.86
CA VAL E 83 21.75 -17.81 -1.62
C VAL E 83 20.37 -18.44 -1.82
N HIS E 84 20.19 -19.12 -2.94
CA HIS E 84 18.89 -19.71 -3.25
C HIS E 84 18.59 -20.88 -2.31
N GLU E 85 19.60 -21.68 -1.98
CA GLU E 85 19.38 -22.81 -1.07
C GLU E 85 18.93 -22.32 0.29
N GLU E 86 19.51 -21.22 0.77
CA GLU E 86 19.11 -20.65 2.05
C GLU E 86 17.80 -19.90 1.95
N ALA E 87 17.56 -19.21 0.83
CA ALA E 87 16.30 -18.52 0.64
C ALA E 87 15.15 -19.50 0.48
N PHE E 88 15.39 -20.62 -0.21
CA PHE E 88 14.37 -21.66 -0.28
C PHE E 88 14.21 -22.36 1.07
N ASP E 89 15.31 -22.51 1.81
CA ASP E 89 15.21 -23.05 3.17
C ASP E 89 14.31 -22.16 4.04
N ASP E 90 14.45 -20.84 3.90
CA ASP E 90 13.55 -19.94 4.62
C ASP E 90 12.12 -20.04 4.12
N PHE E 91 11.93 -20.43 2.85
CA PHE E 91 10.59 -20.52 2.30
C PHE E 91 9.79 -21.66 2.94
N LEU E 92 10.28 -22.89 2.82
CA LEU E 92 9.54 -24.02 3.39
C LEU E 92 9.60 -24.01 4.92
N ARG E 93 10.60 -23.36 5.51
CA ARG E 93 10.55 -23.08 6.94
C ARG E 93 9.39 -22.14 7.26
N TYR E 94 9.11 -21.19 6.36
CA TYR E 94 7.95 -20.33 6.51
C TYR E 94 6.65 -21.10 6.30
N LYS E 95 6.62 -21.98 5.28
CA LYS E 95 5.36 -22.64 4.92
C LYS E 95 4.96 -23.68 5.96
N THR E 96 5.92 -24.40 6.53
CA THR E 96 5.56 -25.44 7.51
C THR E 96 5.13 -24.86 8.87
N ARG E 97 4.85 -23.56 8.95
CA ARG E 97 4.35 -22.93 10.17
C ARG E 97 3.01 -22.23 9.97
N ILE E 98 2.51 -22.20 8.75
CA ILE E 98 1.23 -21.53 8.48
C ILE E 98 0.09 -22.31 9.13
N PRO E 99 -0.84 -21.65 9.82
CA PRO E 99 -1.97 -22.36 10.42
C PRO E 99 -2.79 -23.13 9.38
N VAL E 100 -3.18 -24.34 9.74
CA VAL E 100 -3.99 -25.21 8.88
C VAL E 100 -5.31 -25.49 9.59
N ARG E 101 -6.41 -25.25 8.88
CA ARG E 101 -7.74 -25.49 9.41
C ARG E 101 -8.49 -26.48 8.53
N GLY E 102 -9.34 -27.28 9.15
CA GLY E 102 -10.11 -28.26 8.43
C GLY E 102 -11.33 -28.66 9.22
N ALA E 103 -11.87 -29.83 8.91
CA ALA E 103 -13.06 -30.32 9.59
C ALA E 103 -13.07 -31.84 9.61
N ILE E 104 -13.38 -32.40 10.79
CA ILE E 104 -13.62 -33.83 10.93
C ILE E 104 -15.12 -34.04 10.75
N MET E 105 -15.52 -34.43 9.55
CA MET E 105 -16.94 -34.62 9.25
C MET E 105 -17.36 -36.02 9.67
N LEU E 106 -18.18 -36.10 10.71
CA LEU E 106 -18.74 -37.36 11.17
C LEU E 106 -20.12 -37.58 10.55
N ASP E 107 -20.49 -38.86 10.43
CA ASP E 107 -21.80 -39.18 9.90
C ASP E 107 -22.86 -39.08 11.00
N MET E 108 -24.10 -39.43 10.66
CA MET E 108 -25.19 -39.32 11.63
C MET E 108 -25.08 -40.34 12.77
N SER E 109 -24.34 -41.43 12.57
CA SER E 109 -24.09 -42.39 13.62
C SER E 109 -22.81 -42.11 14.40
N MET E 110 -22.00 -41.15 13.94
CA MET E 110 -20.73 -40.81 14.58
C MET E 110 -19.80 -42.01 14.69
N GLN E 111 -19.91 -42.92 13.72
CA GLN E 111 -19.03 -44.09 13.64
C GLN E 111 -18.14 -44.07 12.41
N GLN E 112 -18.40 -43.21 11.43
CA GLN E 112 -17.55 -43.04 10.27
C GLN E 112 -17.22 -41.56 10.09
N CYS E 113 -16.08 -41.30 9.47
CA CYS E 113 -15.62 -39.94 9.19
C CYS E 113 -15.21 -39.84 7.73
N VAL E 114 -15.01 -38.61 7.28
CA VAL E 114 -14.62 -38.33 5.90
C VAL E 114 -13.13 -38.06 5.86
N LEU E 115 -12.41 -38.83 5.04
CA LEU E 115 -10.98 -38.66 4.84
C LEU E 115 -10.68 -38.46 3.36
N VAL E 116 -9.52 -37.86 3.09
CA VAL E 116 -9.07 -37.60 1.72
C VAL E 116 -7.67 -38.15 1.54
N LYS E 117 -7.37 -38.59 0.33
CA LYS E 117 -6.06 -39.13 -0.02
C LYS E 117 -5.39 -38.21 -1.03
N GLY E 118 -4.08 -38.03 -0.86
CA GLY E 118 -3.32 -37.20 -1.78
C GLY E 118 -3.26 -37.78 -3.18
N TRP E 119 -2.77 -36.95 -4.11
CA TRP E 119 -2.77 -37.32 -5.52
C TRP E 119 -1.88 -38.53 -5.79
N LYS E 120 -0.58 -38.38 -5.55
CA LYS E 120 0.35 -39.49 -5.76
C LYS E 120 -0.02 -40.68 -4.87
N ALA E 121 0.10 -41.88 -5.43
CA ALA E 121 -0.35 -43.08 -4.73
C ALA E 121 0.41 -43.33 -3.44
N SER E 122 1.63 -42.80 -3.30
CA SER E 122 2.37 -42.95 -2.06
C SER E 122 1.74 -42.16 -0.93
N SER E 123 1.15 -40.99 -1.24
CA SER E 123 0.58 -40.13 -0.23
C SER E 123 -0.50 -40.85 0.56
N GLY E 124 -0.53 -40.61 1.87
CA GLY E 124 -1.48 -41.26 2.75
C GLY E 124 -2.78 -40.50 2.87
N TRP E 125 -3.59 -40.92 3.85
CA TRP E 125 -4.91 -40.37 4.09
C TRP E 125 -4.84 -39.30 5.19
N GLY E 126 -5.90 -38.49 5.23
CA GLY E 126 -5.98 -37.43 6.22
C GLY E 126 -7.32 -36.72 6.13
N PHE E 127 -7.60 -35.91 7.14
CA PHE E 127 -8.82 -35.14 7.17
C PHE E 127 -8.74 -33.99 6.16
N PRO E 128 -9.88 -33.58 5.59
CA PRO E 128 -9.86 -32.44 4.66
C PRO E 128 -9.43 -31.15 5.36
N LYS E 129 -8.20 -30.72 5.11
CA LYS E 129 -7.62 -29.57 5.78
C LYS E 129 -6.69 -28.84 4.82
N GLY E 130 -6.46 -27.57 5.11
CA GLY E 130 -5.60 -26.77 4.26
C GLY E 130 -5.10 -25.52 4.96
N LYS E 131 -4.09 -24.92 4.36
CA LYS E 131 -3.42 -23.77 4.95
C LYS E 131 -4.32 -22.53 4.87
N ILE E 132 -4.12 -21.63 5.83
CA ILE E 132 -4.94 -20.43 5.95
C ILE E 132 -4.44 -19.37 4.96
N ASP E 133 -5.37 -18.56 4.47
CA ASP E 133 -5.05 -17.48 3.55
C ASP E 133 -4.98 -16.15 4.31
N LYS E 134 -4.57 -15.11 3.58
CA LYS E 134 -4.33 -13.81 4.21
C LYS E 134 -5.62 -13.21 4.75
N ASP E 135 -5.63 -12.87 6.03
CA ASP E 135 -6.68 -12.14 6.73
C ASP E 135 -7.98 -12.93 6.91
N GLU E 136 -8.06 -14.15 6.37
CA GLU E 136 -9.28 -14.94 6.56
C GLU E 136 -9.27 -15.63 7.91
N SER E 137 -10.47 -15.83 8.46
CA SER E 137 -10.60 -16.40 9.79
C SER E 137 -10.38 -17.91 9.77
N ASP E 138 -10.25 -18.49 10.96
CA ASP E 138 -10.07 -19.93 11.09
C ASP E 138 -11.28 -20.68 10.56
N VAL E 139 -12.48 -20.19 10.83
CA VAL E 139 -13.69 -20.85 10.38
C VAL E 139 -13.84 -20.71 8.87
N ASP E 140 -13.61 -19.51 8.34
CA ASP E 140 -13.65 -19.32 6.89
C ASP E 140 -12.60 -20.17 6.17
N CYS E 141 -11.46 -20.39 6.81
CA CYS E 141 -10.44 -21.26 6.23
C CYS E 141 -10.89 -22.71 6.22
N ALA E 142 -11.46 -23.18 7.33
CA ALA E 142 -11.97 -24.55 7.37
C ALA E 142 -13.05 -24.76 6.32
N ILE E 143 -13.92 -23.77 6.12
CA ILE E 143 -14.93 -23.88 5.08
C ILE E 143 -14.31 -23.84 3.70
N ARG E 144 -13.32 -22.95 3.49
CA ARG E 144 -12.71 -22.81 2.18
C ARG E 144 -12.03 -24.10 1.74
N GLU E 145 -11.31 -24.76 2.65
CA GLU E 145 -10.51 -25.92 2.28
C GLU E 145 -11.30 -27.22 2.29
N VAL E 146 -12.31 -27.34 3.16
CA VAL E 146 -13.18 -28.50 3.10
C VAL E 146 -13.99 -28.49 1.82
N TYR E 147 -14.52 -27.32 1.44
CA TYR E 147 -15.16 -27.19 0.14
C TYR E 147 -14.17 -27.35 -1.00
N GLU E 148 -12.92 -26.93 -0.80
CA GLU E 148 -11.93 -27.06 -1.86
C GLU E 148 -11.55 -28.51 -2.10
N GLU E 149 -11.41 -29.29 -1.03
CA GLU E 149 -10.89 -30.65 -1.13
C GLU E 149 -11.97 -31.72 -1.18
N THR E 150 -13.20 -31.41 -0.74
CA THR E 150 -14.30 -32.36 -0.82
C THR E 150 -15.51 -31.86 -1.60
N GLY E 151 -15.51 -30.60 -2.05
CA GLY E 151 -16.63 -30.07 -2.78
C GLY E 151 -17.91 -29.92 -1.99
N PHE E 152 -17.86 -30.09 -0.67
CA PHE E 152 -19.04 -29.98 0.18
C PHE E 152 -18.96 -28.68 0.98
N ASP E 153 -20.09 -27.97 1.04
CA ASP E 153 -20.18 -26.74 1.80
C ASP E 153 -20.66 -27.06 3.21
N CYS E 154 -19.81 -26.77 4.20
CA CYS E 154 -20.12 -27.01 5.60
C CYS E 154 -20.32 -25.72 6.38
N SER E 155 -20.66 -24.63 5.70
CA SER E 155 -20.84 -23.36 6.40
C SER E 155 -22.09 -23.39 7.27
N SER E 156 -23.15 -24.04 6.81
CA SER E 156 -24.38 -24.16 7.58
C SER E 156 -24.33 -25.29 8.60
N ARG E 157 -23.21 -26.01 8.69
CA ARG E 157 -23.06 -27.10 9.64
C ARG E 157 -21.85 -26.97 10.57
N ILE E 158 -20.89 -26.11 10.25
CA ILE E 158 -19.69 -25.99 11.08
C ILE E 158 -20.05 -25.33 12.40
N ASN E 159 -19.49 -25.86 13.48
CA ASN E 159 -19.71 -25.32 14.82
C ASN E 159 -18.41 -24.70 15.32
N PRO E 160 -18.30 -23.37 15.35
CA PRO E 160 -17.01 -22.75 15.76
C PRO E 160 -16.59 -23.09 17.17
N ASN E 161 -17.50 -23.52 18.04
CA ASN E 161 -17.15 -23.86 19.41
C ASN E 161 -16.72 -25.32 19.58
N GLU E 162 -16.86 -26.14 18.55
CA GLU E 162 -16.55 -27.57 18.62
C GLU E 162 -15.44 -27.87 17.62
N PHE E 163 -14.20 -27.87 18.11
CA PHE E 163 -13.03 -28.16 17.27
C PHE E 163 -12.00 -28.89 18.10
N ILE E 164 -10.92 -29.31 17.44
CA ILE E 164 -9.78 -29.96 18.09
C ILE E 164 -8.54 -29.19 17.69
N ASP E 165 -7.90 -28.54 18.66
CA ASP E 165 -6.71 -27.73 18.40
C ASP E 165 -5.47 -28.57 18.65
N MET E 166 -4.60 -28.64 17.64
CA MET E 166 -3.39 -29.45 17.70
C MET E 166 -2.22 -28.63 17.15
N THR E 167 -1.02 -28.94 17.64
CA THR E 167 0.21 -28.28 17.19
C THR E 167 1.21 -29.37 16.81
N ILE E 168 0.99 -29.98 15.65
CA ILE E 168 1.90 -31.00 15.13
C ILE E 168 3.15 -30.32 14.61
N ARG E 169 4.30 -30.65 15.19
CA ARG E 169 5.59 -30.02 14.86
C ARG E 169 5.41 -28.52 15.10
N GLY E 170 5.79 -27.66 14.16
CA GLY E 170 5.53 -26.24 14.27
C GLY E 170 4.27 -25.79 13.60
N GLN E 171 3.47 -26.72 13.09
CA GLN E 171 2.26 -26.42 12.32
C GLN E 171 1.04 -26.53 13.23
N ASN E 172 0.37 -25.42 13.46
CA ASN E 172 -0.88 -25.41 14.22
C ASN E 172 -2.00 -25.94 13.34
N VAL E 173 -2.69 -26.97 13.82
CA VAL E 173 -3.78 -27.60 13.08
C VAL E 173 -5.03 -27.55 13.94
N ARG E 174 -6.12 -27.02 13.38
CA ARG E 174 -7.42 -27.00 14.03
C ARG E 174 -8.44 -27.69 13.11
N LEU E 175 -9.12 -28.70 13.64
CA LEU E 175 -10.14 -29.43 12.90
C LEU E 175 -11.47 -29.28 13.62
N TYR E 176 -12.46 -28.72 12.93
CA TYR E 176 -13.78 -28.55 13.53
C TYR E 176 -14.57 -29.83 13.39
N ILE E 177 -15.22 -30.24 14.48
CA ILE E 177 -16.02 -31.46 14.48
C ILE E 177 -17.41 -31.14 13.96
N ILE E 178 -17.77 -31.74 12.84
CA ILE E 178 -19.07 -31.51 12.21
C ILE E 178 -19.81 -32.83 12.09
N PRO E 179 -20.64 -33.20 13.06
CA PRO E 179 -21.40 -34.45 12.97
C PRO E 179 -22.65 -34.25 12.11
N GLY E 180 -23.36 -35.36 11.90
CA GLY E 180 -24.60 -35.31 11.16
C GLY E 180 -24.46 -35.17 9.66
N ILE E 181 -23.31 -35.52 9.10
CA ILE E 181 -23.11 -35.51 7.65
C ILE E 181 -23.66 -36.80 7.08
N SER E 182 -24.66 -36.68 6.21
CA SER E 182 -25.33 -37.87 5.69
C SER E 182 -24.39 -38.67 4.78
N LEU E 183 -24.56 -40.00 4.82
CA LEU E 183 -23.71 -40.88 4.03
C LEU E 183 -24.02 -40.81 2.54
N ASP E 184 -25.19 -40.30 2.16
CA ASP E 184 -25.55 -40.16 0.75
C ASP E 184 -24.96 -38.92 0.12
N THR E 185 -24.29 -38.06 0.90
CA THR E 185 -23.73 -36.83 0.37
C THR E 185 -22.60 -37.12 -0.61
N ARG E 186 -22.59 -36.41 -1.73
CA ARG E 186 -21.61 -36.61 -2.77
C ARG E 186 -20.38 -35.73 -2.53
N PHE E 187 -19.20 -36.30 -2.80
CA PHE E 187 -17.94 -35.61 -2.59
C PHE E 187 -17.12 -35.61 -3.87
N GLU E 188 -16.44 -34.50 -4.13
CA GLU E 188 -15.49 -34.39 -5.23
C GLU E 188 -14.61 -33.17 -5.02
N SER E 189 -13.32 -33.32 -5.28
CA SER E 189 -12.36 -32.25 -5.07
C SER E 189 -12.46 -31.20 -6.17
N ARG E 190 -12.19 -29.95 -5.80
CA ARG E 190 -12.17 -28.83 -6.72
C ARG E 190 -10.77 -28.24 -6.85
N THR E 191 -9.76 -29.09 -6.91
CA THR E 191 -8.38 -28.70 -7.14
C THR E 191 -7.84 -29.42 -8.37
N ARG E 192 -6.64 -29.00 -8.81
CA ARG E 192 -6.02 -29.64 -9.96
C ARG E 192 -5.27 -30.91 -9.60
N LYS E 193 -4.88 -31.06 -8.35
CA LYS E 193 -4.28 -32.30 -7.86
C LYS E 193 -4.62 -32.49 -6.38
N GLU E 194 -3.61 -32.79 -5.56
CA GLU E 194 -3.72 -32.67 -4.11
C GLU E 194 -4.69 -33.68 -3.49
N ILE E 195 -5.79 -33.98 -4.18
CA ILE E 195 -6.79 -34.92 -3.68
C ILE E 195 -7.07 -35.94 -4.78
N SER E 196 -6.89 -37.23 -4.46
CA SER E 196 -7.18 -38.31 -5.39
C SER E 196 -8.43 -39.10 -5.03
N LYS E 197 -8.67 -39.34 -3.75
CA LYS E 197 -9.84 -40.11 -3.32
C LYS E 197 -10.54 -39.37 -2.18
N ILE E 198 -11.85 -39.56 -2.09
CA ILE E 198 -12.65 -39.08 -0.97
C ILE E 198 -13.64 -40.18 -0.62
N GLU E 199 -13.50 -40.75 0.58
CA GLU E 199 -14.40 -41.81 1.01
C GLU E 199 -14.57 -41.74 2.52
N TRP E 200 -15.51 -42.52 3.02
CA TRP E 200 -15.72 -42.68 4.46
C TRP E 200 -14.81 -43.77 4.99
N HIS E 201 -14.47 -43.66 6.28
CA HIS E 201 -13.65 -44.64 6.96
C HIS E 201 -14.23 -44.91 8.34
N ASN E 202 -14.26 -46.19 8.72
CA ASN E 202 -14.72 -46.56 10.05
C ASN E 202 -13.69 -46.16 11.10
N LEU E 203 -14.15 -45.43 12.12
CA LEU E 203 -13.23 -45.01 13.19
C LEU E 203 -12.66 -46.21 13.93
N MET E 204 -13.42 -47.31 14.00
CA MET E 204 -12.90 -48.53 14.60
C MET E 204 -11.81 -49.15 13.73
N ASP E 205 -11.87 -48.94 12.42
CA ASP E 205 -10.87 -49.49 11.49
C ASP E 205 -9.65 -48.60 11.34
N LEU E 206 -9.53 -47.54 12.13
CA LEU E 206 -8.36 -46.67 12.11
C LEU E 206 -7.41 -47.06 13.24
N PRO E 207 -6.10 -46.91 13.06
CA PRO E 207 -5.19 -47.30 14.14
C PRO E 207 -5.37 -46.39 15.34
N THR E 208 -6.12 -46.86 16.33
CA THR E 208 -6.45 -46.07 17.51
C THR E 208 -5.30 -46.04 18.50
N PHE E 221 -0.51 -44.84 4.45
CA PHE E 221 -0.59 -44.78 5.90
C PHE E 221 -1.29 -43.49 6.32
N TYR E 222 -1.43 -43.28 7.64
CA TYR E 222 -2.26 -42.19 8.14
C TYR E 222 -1.45 -41.18 8.94
N MET E 223 -1.74 -39.90 8.69
CA MET E 223 -1.34 -38.80 9.56
C MET E 223 -2.48 -38.39 10.50
N VAL E 224 -3.43 -39.29 10.73
CA VAL E 224 -4.64 -38.99 11.48
C VAL E 224 -4.51 -39.29 12.97
N ILE E 225 -3.53 -40.14 13.35
CA ILE E 225 -3.44 -40.65 14.72
C ILE E 225 -3.55 -39.56 15.79
N PRO E 226 -2.88 -38.41 15.68
CA PRO E 226 -2.95 -37.41 16.78
C PRO E 226 -4.36 -36.99 17.16
N PHE E 227 -5.30 -36.94 16.22
CA PHE E 227 -6.65 -36.48 16.53
C PHE E 227 -7.57 -37.59 17.03
N LEU E 228 -7.12 -38.84 17.04
CA LEU E 228 -8.00 -39.94 17.44
C LEU E 228 -8.25 -39.95 18.93
N ALA E 229 -7.27 -39.52 19.74
CA ALA E 229 -7.50 -39.47 21.18
C ALA E 229 -8.53 -38.42 21.58
N PRO E 230 -8.46 -37.16 21.11
CA PRO E 230 -9.50 -36.19 21.51
C PRO E 230 -10.85 -36.48 20.88
N LEU E 231 -10.87 -36.98 19.64
CA LEU E 231 -12.15 -37.21 18.96
C LEU E 231 -12.99 -38.26 19.68
N LYS E 232 -12.37 -39.36 20.10
CA LYS E 232 -13.14 -40.44 20.71
C LYS E 232 -13.82 -40.01 22.00
N LYS E 233 -13.12 -39.26 22.86
CA LYS E 233 -13.78 -38.76 24.06
C LYS E 233 -14.87 -37.75 23.72
N TRP E 234 -14.71 -37.00 22.63
CA TRP E 234 -15.75 -36.06 22.23
C TRP E 234 -16.99 -36.77 21.72
N ILE E 235 -16.82 -37.92 21.04
CA ILE E 235 -17.96 -38.64 20.51
C ILE E 235 -18.70 -39.38 21.63
N LYS E 236 -17.94 -39.99 22.56
CA LYS E 236 -18.57 -40.72 23.65
C LYS E 236 -19.44 -39.82 24.51
N LYS E 237 -19.08 -38.55 24.65
CA LYS E 237 -19.94 -37.61 25.36
C LYS E 237 -21.27 -37.42 24.63
N ARG E 238 -21.23 -37.34 23.30
CA ARG E 238 -22.44 -37.18 22.50
C ARG E 238 -22.80 -38.47 21.77
N ILE F 2 -1.00 -14.46 11.28
CA ILE F 2 0.42 -14.12 11.29
C ILE F 2 1.04 -14.46 9.94
N LEU F 3 1.04 -15.75 9.60
CA LEU F 3 1.57 -16.24 8.35
C LEU F 3 0.44 -16.84 7.52
N TYR F 4 0.53 -16.68 6.20
CA TYR F 4 -0.52 -17.13 5.29
C TYR F 4 0.11 -17.74 4.05
N ALA F 5 -0.66 -18.62 3.40
CA ALA F 5 -0.23 -19.28 2.18
C ALA F 5 -0.93 -18.75 0.93
N GLY F 6 -2.03 -18.01 1.08
CA GLY F 6 -2.78 -17.54 -0.06
C GLY F 6 -2.98 -16.04 -0.03
N PRO F 7 -2.53 -15.35 -1.08
CA PRO F 7 -2.67 -13.89 -1.12
C PRO F 7 -4.12 -13.44 -1.21
N THR F 8 -4.34 -12.12 -1.25
CA THR F 8 -5.69 -11.59 -1.28
C THR F 8 -6.32 -11.74 -2.66
N PHE F 9 -5.56 -11.48 -3.72
CA PHE F 9 -6.12 -11.55 -5.07
C PHE F 9 -6.60 -12.95 -5.43
N THR F 10 -6.15 -13.97 -4.69
CA THR F 10 -6.72 -15.31 -4.88
C THR F 10 -8.19 -15.35 -4.48
N HIS F 11 -8.58 -14.53 -3.51
CA HIS F 11 -9.98 -14.45 -3.06
C HIS F 11 -10.72 -13.40 -3.89
N SER F 12 -10.88 -13.71 -5.17
CA SER F 12 -11.68 -12.88 -6.04
C SER F 12 -13.14 -12.94 -5.59
N PRO F 13 -13.89 -11.84 -5.73
CA PRO F 13 -15.27 -11.82 -5.27
C PRO F 13 -16.11 -12.86 -5.99
N ALA F 14 -17.11 -13.38 -5.28
CA ALA F 14 -18.02 -14.36 -5.85
C ALA F 14 -18.75 -13.77 -7.06
N ALA F 15 -19.21 -14.66 -7.94
CA ALA F 15 -19.93 -14.21 -9.13
C ALA F 15 -21.18 -13.43 -8.76
N SER F 16 -21.75 -13.68 -7.59
CA SER F 16 -22.94 -12.94 -7.17
C SER F 16 -22.63 -11.49 -6.83
N ASN F 17 -21.38 -11.17 -6.49
CA ASN F 17 -21.04 -9.79 -6.14
C ASN F 17 -21.10 -8.87 -7.35
N LEU F 18 -20.95 -9.41 -8.56
CA LEU F 18 -20.88 -8.57 -9.74
C LEU F 18 -22.22 -7.90 -10.01
N PRO F 19 -22.21 -6.67 -10.52
CA PRO F 19 -23.45 -5.92 -10.69
C PRO F 19 -24.31 -6.46 -11.83
N ILE F 20 -25.60 -6.12 -11.78
CA ILE F 20 -26.54 -6.42 -12.85
C ILE F 20 -27.14 -5.10 -13.31
N PRO F 21 -26.45 -4.35 -14.18
CA PRO F 21 -27.03 -3.13 -14.73
C PRO F 21 -28.31 -3.42 -15.49
N THR F 22 -29.13 -2.36 -15.65
CA THR F 22 -30.42 -2.51 -16.32
C THR F 22 -30.27 -3.08 -17.73
N PHE F 23 -29.20 -2.72 -18.44
CA PHE F 23 -29.06 -3.17 -19.82
C PHE F 23 -28.63 -4.62 -19.93
N LEU F 24 -28.33 -5.29 -18.81
CA LEU F 24 -28.02 -6.71 -18.84
C LEU F 24 -29.28 -7.55 -18.64
MG MG G . 6.91 19.89 14.24
MG MG H . 9.12 20.92 16.89
MG MG I . 8.42 20.69 20.71
PA M7G J . 4.49 20.46 16.93
O1A M7G J . 3.70 19.24 16.66
O2A M7G J . 5.23 20.88 15.66
O3A M7G J . 5.58 20.17 18.05
O5' M7G J . 3.67 21.68 17.49
PB M7G J . 6.77 19.12 18.17
O1B M7G J . 6.51 18.23 19.33
O2B M7G J . 8.06 19.94 18.32
O3B M7G J . 6.83 18.37 16.85
C5' M7G J . 3.63 22.19 18.84
C4' M7G J . 2.97 23.55 18.78
O4' M7G J . 3.62 24.33 17.77
C3' M7G J . 1.48 23.50 18.43
O3' M7G J . 0.70 23.65 19.60
C2' M7G J . 1.29 24.67 17.45
O2' M7G J . 0.45 25.69 18.00
C1' M7G J . 2.70 25.22 17.19
N9 M7G J . 3.02 25.32 15.76
C8 M7G J . 4.00 24.62 15.17
N7 M7G J . 4.04 24.94 13.89
CM7 M7G J . 5.00 24.38 12.93
C5 M7G J . 3.06 25.89 13.63
C6 M7G J . 2.66 26.57 12.46
O6 M7G J . 3.13 26.48 11.32
N1 M7G J . 1.60 27.42 12.72
C2 M7G J . 1.01 27.60 13.94
N2 M7G J . -0.01 28.45 14.00
N3 M7G J . 1.39 26.96 15.04
C4 M7G J . 2.41 26.12 14.83
MG MG K . -4.87 -29.99 2.35
MG MG L . -6.09 -27.51 -0.39
MG MG M . -4.28 -25.10 -0.96
PA M7G N . -1.57 -26.99 -0.77
O1A M7G N . -2.61 -26.26 -1.62
O2A M7G N . -0.57 -26.02 -0.26
O3A M7G N . -2.32 -27.69 0.45
O5' M7G N . -0.96 -28.18 -1.61
PB M7G N . -3.43 -27.21 1.49
O1B M7G N . -3.39 -25.68 1.53
O2B M7G N . -2.97 -27.74 2.85
O3B M7G N . -4.77 -27.74 1.11
C5' M7G N . -0.46 -29.43 -1.13
C4' M7G N . 0.05 -30.25 -2.29
O4' M7G N . -0.99 -30.36 -3.29
C3' M7G N . 1.23 -29.65 -3.04
O3' M7G N . 2.46 -29.99 -2.41
C2' M7G N . 1.10 -30.30 -4.42
O2' M7G N . 1.80 -31.54 -4.50
C1' M7G N . -0.41 -30.53 -4.57
N9 M7G N . -1.06 -29.60 -5.50
C8 M7G N . -2.06 -28.77 -5.18
N7 M7G N . -2.43 -28.10 -6.25
CM7 M7G N . -3.50 -27.10 -6.28
C5 M7G N . -1.63 -28.49 -7.32
C6 M7G N . -1.58 -28.10 -8.69
O6 M7G N . -2.27 -27.27 -9.27
N1 M7G N . -0.61 -28.82 -9.37
C2 M7G N . 0.22 -29.76 -8.81
N2 M7G N . 1.10 -30.35 -9.61
N3 M7G N . 0.17 -30.12 -7.52
C4 M7G N . -0.77 -29.45 -6.84
#